data_2IW5
#
_entry.id   2IW5
#
_cell.length_a   120.354
_cell.length_b   178.222
_cell.length_c   234.932
_cell.angle_alpha   90.00
_cell.angle_beta   90.00
_cell.angle_gamma   90.00
#
_symmetry.space_group_name_H-M   'I 2 2 2'
#
loop_
_entity.id
_entity.type
_entity.pdbx_description
1 polymer 'LYSINE-SPECIFIC HISTONE DEMETHYLASE 1'
2 polymer 'REST COREPRESSOR 1'
3 non-polymer 'FLAVIN-ADENINE DINUCLEOTIDE'
4 non-polymer 'CHLORIDE ION'
5 non-polymer GLYCEROL
6 non-polymer 'AMMONIUM ION'
7 water water
#
loop_
_entity_poly.entity_id
_entity_poly.type
_entity_poly.pdbx_seq_one_letter_code
_entity_poly.pdbx_strand_id
1 'polypeptide(L)'
;PSGVEGAAFQSRLPHDRMTSQEAACFPDIISGPQQTQKVFLFIRNRTLQLWLDNPKIQLTFEATLQQLEAPYNSDTVLVH
RVHSYLERHGLINFGIYKRIKPLPTKKTGKVIIIGSGVSGLAAARQLQSFGMDVTLLEARDRVGGRVATFRKGNYVADLG
AMVVTGLGGNPMAVVSKQVNMELAKIKQKCPLYEANGQAVPKEKDEMVEQEFNRLLEATSYLSHQLDFNVLNNKPVSLGQ
ALEVVIQLQEKHVKDEQIEHWKKIVKTQEELKELLNKMVNLKEKIKELHQQYKEASEVKPPRDITAEFLVKSKHRDLTAL
CKEYDELAETQGKLEEKLQELEANPPSDVYLSSRDRQILDWHFANLEFANATPLSTLSLKHWDQDDDFEFTGSHLTVRNG
YSCVPVALAEGLDIKLNTAVRQVRYTASGCEVIAVNTRSTSQTFIYKCDAVLCTLPLGVLKQQPPAVQFVPPLPEWKTSA
VQRMGFGNLNKVVLCFDRVFWDPSVNLFGHVGSTTASRGELFLFWNLYKAPILLALVAGEAAGIMENISDDVIVGRCLAI
LKGIFGSSAVPQPKETVVSRWRADPWARGSYSYVAAGSSGNDYDLMAQPITPGPSIPGAPQPIPRLFFAGEHTIRNYPAT
VHGALLSGLREAGRIADQFLGAMYTL
;
A
2 'polypeptide(L)'
;MGSSHHHHHHSSGLVPRGSHMASMTGGQQMGRGSEFGRPTETVPQVKKEKHSTQAKNRAKRKPPKGMFLSQEDVEAVSAN
ATAATTVLRQLDMELVSVKRQIQNIKQTNSALKEKLDGGIEPYRLPEVIQKCNARWTTEEQLLAVQAIRKYGRDFQAISD
VIGNKSVVQVKNFFVNYRRRFNIDEVLQEWEAEHGKEETNGPSNQKPVKSPDNSIKMPEEEDEAPVLDVRYASAS
;
B
#
loop_
_chem_comp.id
_chem_comp.type
_chem_comp.name
_chem_comp.formula
CL non-polymer 'CHLORIDE ION' 'Cl -1'
FAD non-polymer 'FLAVIN-ADENINE DINUCLEOTIDE' 'C27 H33 N9 O15 P2'
GOL non-polymer GLYCEROL 'C3 H8 O3'
NH4 non-polymer 'AMMONIUM ION' 'H4 N 1'
#
# COMPACT_ATOMS: atom_id res chain seq x y z
N PRO A 1 5.77 13.85 -24.68
CA PRO A 1 5.02 15.00 -25.21
C PRO A 1 5.93 16.16 -25.69
N SER A 2 5.86 16.49 -26.99
CA SER A 2 6.67 17.58 -27.59
C SER A 2 5.87 18.70 -28.32
N GLY A 3 6.58 19.70 -28.84
CA GLY A 3 5.96 20.83 -29.55
C GLY A 3 5.17 21.73 -28.62
N VAL A 4 4.00 22.19 -29.09
CA VAL A 4 3.14 23.04 -28.27
C VAL A 4 2.43 22.23 -27.21
N GLU A 5 2.24 20.94 -27.48
CA GLU A 5 1.58 20.04 -26.53
C GLU A 5 2.51 19.76 -25.35
N GLY A 6 3.82 19.74 -25.63
CA GLY A 6 4.83 19.52 -24.61
C GLY A 6 4.82 20.68 -23.63
N ALA A 7 4.61 21.89 -24.17
CA ALA A 7 4.56 23.10 -23.35
C ALA A 7 3.40 23.06 -22.36
N ALA A 8 2.24 22.58 -22.80
CA ALA A 8 1.09 22.49 -21.91
C ALA A 8 1.41 21.51 -20.79
N PHE A 9 1.86 20.32 -21.18
CA PHE A 9 2.22 19.29 -20.24
C PHE A 9 3.25 19.79 -19.22
N GLN A 10 4.24 20.53 -19.70
CA GLN A 10 5.28 21.05 -18.83
C GLN A 10 4.75 22.16 -17.90
N SER A 11 3.59 22.72 -18.25
CA SER A 11 2.96 23.75 -17.43
C SER A 11 1.77 23.20 -16.61
N ARG A 12 1.59 21.87 -16.62
CA ARG A 12 0.50 21.18 -15.90
C ARG A 12 -0.89 21.58 -16.41
N LEU A 13 -0.99 21.76 -17.72
CA LEU A 13 -2.25 22.14 -18.34
C LEU A 13 -2.68 21.10 -19.37
N PRO A 14 -4.00 20.89 -19.51
CA PRO A 14 -4.48 20.04 -20.60
C PRO A 14 -4.32 20.82 -21.91
N HIS A 15 -3.64 20.23 -22.89
CA HIS A 15 -3.38 20.92 -24.16
C HIS A 15 -4.58 21.22 -25.05
N ASP A 16 -5.60 20.36 -24.98
CA ASP A 16 -6.78 20.47 -25.83
C ASP A 16 -8.04 20.92 -25.13
N ARG A 17 -7.88 21.52 -23.96
CA ARG A 17 -9.01 21.94 -23.16
C ARG A 17 -8.66 23.15 -22.31
N MET A 18 -9.64 24.02 -22.10
CA MET A 18 -9.46 25.22 -21.28
C MET A 18 -9.73 24.86 -19.83
N THR A 19 -8.91 25.39 -18.92
CA THR A 19 -9.09 25.11 -17.50
C THR A 19 -10.14 26.03 -16.89
N SER A 20 -10.53 25.72 -15.66
CA SER A 20 -11.48 26.46 -14.88
C SER A 20 -11.00 27.90 -14.69
N GLN A 21 -9.70 28.07 -14.45
CA GLN A 21 -9.09 29.37 -14.26
C GLN A 21 -9.18 30.15 -15.58
N GLU A 22 -8.90 29.48 -16.68
CA GLU A 22 -8.99 30.10 -17.99
C GLU A 22 -10.43 30.47 -18.31
N ALA A 23 -11.38 29.68 -17.84
CA ALA A 23 -12.79 29.98 -18.08
C ALA A 23 -13.16 31.29 -17.43
N ALA A 24 -12.72 31.46 -16.18
CA ALA A 24 -12.98 32.66 -15.40
C ALA A 24 -12.45 33.96 -16.04
N CYS A 25 -11.32 33.87 -16.73
CA CYS A 25 -10.72 35.04 -17.36
C CYS A 25 -11.12 35.21 -18.82
N PHE A 26 -11.58 34.12 -19.43
CA PHE A 26 -11.98 34.15 -20.82
C PHE A 26 -13.37 33.54 -20.95
N PRO A 27 -14.35 34.09 -20.23
CA PRO A 27 -15.72 33.57 -20.28
C PRO A 27 -16.29 33.71 -21.68
N ASP A 28 -15.86 34.73 -22.39
CA ASP A 28 -16.32 34.99 -23.76
C ASP A 28 -15.89 33.86 -24.69
N ILE A 29 -14.68 33.37 -24.45
CA ILE A 29 -14.12 32.31 -25.27
C ILE A 29 -14.67 30.91 -24.95
N ILE A 30 -14.63 30.52 -23.68
CA ILE A 30 -15.14 29.20 -23.32
C ILE A 30 -16.63 29.00 -23.65
N SER A 31 -17.41 30.08 -23.68
CA SER A 31 -18.82 29.95 -23.99
C SER A 31 -19.12 30.13 -25.48
N GLY A 32 -18.08 30.44 -26.27
CA GLY A 32 -18.20 30.66 -27.71
C GLY A 32 -17.92 29.43 -28.55
N PRO A 33 -17.91 29.58 -29.89
CA PRO A 33 -17.61 28.49 -30.82
C PRO A 33 -16.31 27.71 -30.56
N GLN A 34 -16.34 26.40 -30.85
CA GLN A 34 -15.19 25.52 -30.65
C GLN A 34 -13.91 26.03 -31.34
N GLN A 35 -14.06 26.54 -32.56
CA GLN A 35 -12.95 27.08 -33.33
C GLN A 35 -12.16 28.16 -32.57
N THR A 36 -12.86 29.10 -31.95
CA THR A 36 -12.21 30.17 -31.20
C THR A 36 -11.45 29.61 -30.01
N GLN A 37 -12.04 28.61 -29.36
CA GLN A 37 -11.39 27.95 -28.22
C GLN A 37 -10.07 27.34 -28.69
N LYS A 38 -10.10 26.72 -29.87
CA LYS A 38 -8.89 26.12 -30.43
C LYS A 38 -7.83 27.20 -30.72
N VAL A 39 -8.26 28.38 -31.15
CA VAL A 39 -7.32 29.48 -31.42
C VAL A 39 -6.67 29.90 -30.09
N PHE A 40 -7.49 30.04 -29.07
CA PHE A 40 -7.00 30.43 -27.76
C PHE A 40 -5.99 29.41 -27.25
N LEU A 41 -6.36 28.14 -27.28
CA LEU A 41 -5.48 27.10 -26.80
C LEU A 41 -4.13 27.09 -27.50
N PHE A 42 -4.13 27.34 -28.80
CA PHE A 42 -2.87 27.36 -29.56
C PHE A 42 -2.00 28.53 -29.12
N ILE A 43 -2.63 29.69 -28.96
CA ILE A 43 -1.91 30.88 -28.54
C ILE A 43 -1.33 30.61 -27.16
N ARG A 44 -2.14 30.04 -26.28
CA ARG A 44 -1.69 29.74 -24.93
C ARG A 44 -0.51 28.75 -24.93
N ASN A 45 -0.68 27.63 -25.62
CA ASN A 45 0.36 26.63 -25.69
C ASN A 45 1.65 27.17 -26.31
N ARG A 46 1.50 27.93 -27.39
CA ARG A 46 2.66 28.51 -28.06
C ARG A 46 3.39 29.52 -27.17
N THR A 47 2.64 30.37 -26.48
CA THR A 47 3.26 31.35 -25.60
C THR A 47 4.06 30.63 -24.52
N LEU A 48 3.51 29.53 -24.03
CA LEU A 48 4.17 28.73 -23.03
C LEU A 48 5.43 28.11 -23.65
N GLN A 49 5.34 27.70 -24.90
CA GLN A 49 6.50 27.10 -25.55
C GLN A 49 7.66 28.08 -25.65
N LEU A 50 7.37 29.30 -26.06
CA LEU A 50 8.41 30.33 -26.20
C LEU A 50 9.11 30.58 -24.88
N TRP A 51 8.34 30.64 -23.80
CA TRP A 51 8.91 30.87 -22.49
C TRP A 51 9.77 29.68 -22.06
N LEU A 52 9.21 28.48 -22.16
CA LEU A 52 9.93 27.27 -21.76
C LEU A 52 11.20 27.03 -22.54
N ASP A 53 11.20 27.43 -23.82
CA ASP A 53 12.38 27.26 -24.69
C ASP A 53 13.57 28.09 -24.22
N ASN A 54 13.27 29.21 -23.54
CA ASN A 54 14.31 30.09 -23.04
C ASN A 54 13.84 30.86 -21.81
N PRO A 55 13.83 30.19 -20.65
CA PRO A 55 13.35 30.80 -19.42
C PRO A 55 14.35 31.76 -18.78
N LYS A 56 15.50 31.98 -19.42
CA LYS A 56 16.52 32.89 -18.88
C LYS A 56 16.26 34.38 -19.24
N ILE A 57 15.30 34.64 -20.13
CA ILE A 57 14.95 36.01 -20.51
C ILE A 57 13.44 36.23 -20.43
N GLN A 58 13.06 37.47 -20.16
CA GLN A 58 11.66 37.84 -20.06
C GLN A 58 10.97 37.70 -21.41
N LEU A 59 9.84 37.00 -21.44
CA LEU A 59 9.07 36.86 -22.67
C LEU A 59 8.05 38.00 -22.70
N THR A 60 8.25 38.95 -23.59
CA THR A 60 7.34 40.10 -23.69
C THR A 60 6.23 39.88 -24.72
N PHE A 61 5.17 40.68 -24.61
CA PHE A 61 4.05 40.60 -25.52
C PHE A 61 4.55 40.82 -26.96
N GLU A 62 5.38 41.84 -27.16
CA GLU A 62 5.95 42.14 -28.47
C GLU A 62 6.69 40.94 -29.03
N ALA A 63 7.56 40.35 -28.20
CA ALA A 63 8.35 39.18 -28.58
C ALA A 63 7.45 38.03 -29.02
N THR A 64 6.38 37.82 -28.27
CA THR A 64 5.40 36.77 -28.53
C THR A 64 4.74 36.95 -29.89
N LEU A 65 4.13 38.13 -30.09
CA LEU A 65 3.44 38.44 -31.33
C LEU A 65 4.31 38.24 -32.57
N GLN A 66 5.58 38.65 -32.47
CA GLN A 66 6.52 38.51 -33.57
C GLN A 66 6.81 37.06 -33.93
N GLN A 67 6.85 36.19 -32.93
CA GLN A 67 7.14 34.77 -33.16
C GLN A 67 5.94 33.89 -33.53
N LEU A 68 4.75 34.50 -33.58
CA LEU A 68 3.54 33.78 -33.97
C LEU A 68 3.33 33.96 -35.47
N GLU A 69 2.78 32.95 -36.12
CA GLU A 69 2.53 33.02 -37.56
C GLU A 69 1.03 33.21 -37.83
N ALA A 70 0.70 33.53 -39.09
CA ALA A 70 -0.69 33.73 -39.49
C ALA A 70 -1.44 32.39 -39.33
N PRO A 71 -2.75 32.44 -39.02
CA PRO A 71 -3.58 33.62 -38.77
C PRO A 71 -3.63 34.02 -37.30
N TYR A 72 -2.89 33.29 -36.45
CA TYR A 72 -2.87 33.57 -35.01
C TYR A 72 -2.34 34.95 -34.65
N ASN A 73 -1.32 35.42 -35.36
CA ASN A 73 -0.74 36.73 -35.09
C ASN A 73 -1.56 37.91 -35.61
N SER A 74 -2.81 37.64 -36.00
CA SER A 74 -3.71 38.70 -36.51
C SER A 74 -4.60 39.29 -35.41
N ASP A 75 -5.02 38.46 -34.45
CA ASP A 75 -5.86 38.94 -33.35
C ASP A 75 -4.91 39.35 -32.21
N THR A 76 -4.44 40.59 -32.30
CA THR A 76 -3.51 41.15 -31.32
C THR A 76 -4.06 41.30 -29.89
N VAL A 77 -5.35 41.59 -29.74
CA VAL A 77 -5.92 41.73 -28.39
C VAL A 77 -5.98 40.38 -27.70
N LEU A 78 -6.39 39.35 -28.44
CA LEU A 78 -6.46 38.00 -27.89
C LEU A 78 -5.08 37.55 -27.45
N VAL A 79 -4.07 37.83 -28.26
CA VAL A 79 -2.70 37.46 -27.93
C VAL A 79 -2.25 38.18 -26.66
N HIS A 80 -2.46 39.49 -26.64
CA HIS A 80 -2.12 40.31 -25.49
C HIS A 80 -2.84 39.83 -24.24
N ARG A 81 -4.12 39.45 -24.39
CA ARG A 81 -4.90 38.98 -23.25
C ARG A 81 -4.29 37.70 -22.70
N VAL A 82 -4.00 36.75 -23.59
CA VAL A 82 -3.41 35.49 -23.18
C VAL A 82 -2.07 35.74 -22.51
N HIS A 83 -1.25 36.59 -23.11
CA HIS A 83 0.06 36.88 -22.54
C HIS A 83 -0.04 37.43 -21.13
N SER A 84 -0.86 38.46 -20.93
CA SER A 84 -1.01 39.06 -19.61
C SER A 84 -1.54 38.06 -18.61
N TYR A 85 -2.44 37.21 -19.08
CA TYR A 85 -3.03 36.19 -18.25
C TYR A 85 -1.94 35.22 -17.72
N LEU A 86 -1.12 34.72 -18.64
CA LEU A 86 -0.06 33.78 -18.26
C LEU A 86 0.96 34.45 -17.34
N GLU A 87 1.31 35.67 -17.70
CA GLU A 87 2.28 36.43 -16.94
C GLU A 87 1.77 36.65 -15.51
N ARG A 88 0.53 37.07 -15.42
CA ARG A 88 -0.11 37.37 -14.15
C ARG A 88 -0.21 36.15 -13.25
N HIS A 89 -0.49 35.00 -13.84
CA HIS A 89 -0.61 33.78 -13.06
C HIS A 89 0.71 33.02 -12.85
N GLY A 90 1.81 33.63 -13.28
CA GLY A 90 3.12 33.03 -13.11
C GLY A 90 3.47 31.85 -13.98
N LEU A 91 2.72 31.63 -15.05
CA LEU A 91 3.01 30.50 -15.98
C LEU A 91 4.17 30.85 -16.90
N ILE A 92 4.44 32.14 -17.06
CA ILE A 92 5.58 32.61 -17.87
C ILE A 92 6.19 33.74 -17.03
N ASN A 93 7.45 34.06 -17.29
CA ASN A 93 8.13 35.13 -16.58
C ASN A 93 8.17 35.02 -15.06
N PHE A 94 8.44 33.81 -14.58
CA PHE A 94 8.56 33.56 -13.15
C PHE A 94 9.99 33.08 -12.87
N GLY A 95 10.44 33.23 -11.64
CA GLY A 95 11.78 32.83 -11.24
C GLY A 95 12.78 33.94 -11.41
N ILE A 96 13.95 33.62 -11.97
CA ILE A 96 15.03 34.58 -12.19
C ILE A 96 15.40 34.61 -13.65
N TYR A 97 15.16 35.75 -14.29
CA TYR A 97 15.45 35.91 -15.69
C TYR A 97 15.90 37.34 -15.96
N LYS A 98 16.56 37.56 -17.09
CA LYS A 98 17.00 38.91 -17.43
C LYS A 98 15.75 39.68 -17.85
N ARG A 99 15.56 40.84 -17.25
CA ARG A 99 14.41 41.66 -17.52
C ARG A 99 14.66 42.54 -18.75
N ILE A 100 13.71 42.55 -19.69
CA ILE A 100 13.84 43.37 -20.89
C ILE A 100 13.24 44.76 -20.61
N LYS A 101 11.98 44.77 -20.18
CA LYS A 101 11.28 46.00 -19.84
C LYS A 101 11.65 46.32 -18.40
N PRO A 102 12.24 47.52 -18.14
CA PRO A 102 12.66 47.83 -16.77
C PRO A 102 11.46 47.87 -15.81
N LEU A 103 11.74 47.77 -14.50
CA LEU A 103 10.67 47.79 -13.49
C LEU A 103 10.15 49.24 -13.37
N PRO A 104 8.81 49.40 -13.25
CA PRO A 104 8.30 50.76 -13.06
C PRO A 104 8.99 51.42 -11.88
N THR A 105 9.57 52.59 -12.12
CA THR A 105 10.30 53.35 -11.11
C THR A 105 9.45 53.67 -9.85
N LYS A 106 8.22 54.16 -10.07
CA LYS A 106 7.32 54.45 -8.96
C LYS A 106 6.45 53.22 -8.81
N LYS A 107 6.33 52.72 -7.58
CA LYS A 107 5.58 51.51 -7.29
C LYS A 107 4.12 51.73 -6.90
N THR A 108 3.34 50.65 -6.93
CA THR A 108 1.93 50.72 -6.59
C THR A 108 1.58 49.68 -5.54
N GLY A 109 1.03 50.14 -4.42
CA GLY A 109 0.64 49.26 -3.32
C GLY A 109 1.81 48.75 -2.51
N LYS A 110 1.54 48.42 -1.24
CA LYS A 110 2.55 47.91 -0.33
C LYS A 110 2.11 46.54 0.23
N VAL A 111 2.99 45.54 0.14
CA VAL A 111 2.70 44.20 0.64
C VAL A 111 3.81 43.70 1.57
N ILE A 112 3.41 43.16 2.71
CA ILE A 112 4.35 42.61 3.65
C ILE A 112 4.21 41.08 3.51
N ILE A 113 5.33 40.39 3.36
CA ILE A 113 5.30 38.95 3.23
C ILE A 113 5.94 38.37 4.48
N ILE A 114 5.23 37.51 5.17
CA ILE A 114 5.77 36.90 6.36
C ILE A 114 6.41 35.59 5.95
N GLY A 115 7.72 35.50 6.14
CA GLY A 115 8.49 34.29 5.82
C GLY A 115 9.19 34.36 4.47
N SER A 116 10.45 33.96 4.42
CA SER A 116 11.18 33.98 3.15
C SER A 116 11.66 32.61 2.73
N GLY A 117 10.74 31.66 2.71
CA GLY A 117 11.02 30.31 2.27
C GLY A 117 10.69 30.43 0.78
N VAL A 118 10.66 29.31 0.08
CA VAL A 118 10.36 29.33 -1.34
C VAL A 118 9.01 29.97 -1.68
N SER A 119 7.96 29.71 -0.91
CA SER A 119 6.68 30.32 -1.26
C SER A 119 6.74 31.85 -1.16
N GLY A 120 7.33 32.34 -0.07
CA GLY A 120 7.46 33.78 0.14
C GLY A 120 8.29 34.44 -0.94
N LEU A 121 9.45 33.83 -1.23
CA LEU A 121 10.38 34.36 -2.24
C LEU A 121 9.76 34.40 -3.62
N ALA A 122 9.11 33.31 -4.01
CA ALA A 122 8.47 33.27 -5.32
C ALA A 122 7.39 34.36 -5.44
N ALA A 123 6.60 34.56 -4.38
CA ALA A 123 5.54 35.58 -4.43
C ALA A 123 6.14 36.98 -4.52
N ALA A 124 7.22 37.20 -3.79
CA ALA A 124 7.89 38.49 -3.77
C ALA A 124 8.42 38.86 -5.14
N ARG A 125 9.08 37.93 -5.82
CA ARG A 125 9.61 38.22 -7.15
C ARG A 125 8.49 38.63 -8.09
N GLN A 126 7.38 37.89 -8.01
CA GLN A 126 6.24 38.19 -8.83
C GLN A 126 5.69 39.59 -8.56
N LEU A 127 5.39 39.86 -7.28
CA LEU A 127 4.86 41.17 -6.89
C LEU A 127 5.79 42.31 -7.29
N GLN A 128 7.09 42.11 -7.14
CA GLN A 128 8.02 43.14 -7.53
C GLN A 128 7.89 43.35 -9.03
N SER A 129 7.82 42.27 -9.79
CA SER A 129 7.66 42.33 -11.24
C SER A 129 6.43 43.06 -11.69
N PHE A 130 5.36 42.91 -10.91
CA PHE A 130 4.11 43.54 -11.25
C PHE A 130 4.10 45.02 -10.87
N GLY A 131 5.13 45.47 -10.16
CA GLY A 131 5.26 46.87 -9.76
C GLY A 131 4.82 47.25 -8.35
N MET A 132 4.74 46.27 -7.46
CA MET A 132 4.35 46.56 -6.08
C MET A 132 5.57 46.74 -5.18
N ASP A 133 5.37 47.37 -4.02
CA ASP A 133 6.42 47.59 -3.03
C ASP A 133 6.35 46.37 -2.12
N VAL A 134 7.43 45.59 -2.03
CA VAL A 134 7.40 44.37 -1.22
C VAL A 134 8.49 44.23 -0.19
N THR A 135 8.12 43.84 1.03
CA THR A 135 9.10 43.60 2.09
C THR A 135 8.78 42.23 2.71
N LEU A 136 9.81 41.42 2.94
CA LEU A 136 9.67 40.12 3.56
C LEU A 136 10.25 40.19 4.95
N LEU A 137 9.53 39.63 5.91
CA LEU A 137 9.98 39.58 7.29
C LEU A 137 10.30 38.13 7.54
N GLU A 138 11.55 37.85 7.89
CA GLU A 138 12.01 36.48 8.15
C GLU A 138 12.63 36.39 9.52
N ALA A 139 12.15 35.43 10.30
CA ALA A 139 12.61 35.20 11.67
C ALA A 139 14.06 34.72 11.74
N ARG A 140 14.41 33.76 10.88
CA ARG A 140 15.76 33.20 10.85
C ARG A 140 16.83 34.21 10.38
N ASP A 141 18.09 33.80 10.48
CA ASP A 141 19.22 34.61 10.05
C ASP A 141 19.62 34.21 8.62
N ARG A 142 18.68 33.62 7.89
CA ARG A 142 18.94 33.20 6.51
C ARG A 142 17.63 33.07 5.80
N VAL A 143 17.68 32.91 4.48
CA VAL A 143 16.47 32.71 3.67
C VAL A 143 16.38 31.21 3.42
N GLY A 144 15.31 30.76 2.77
CA GLY A 144 15.12 29.37 2.43
C GLY A 144 14.15 28.58 3.27
N GLY A 145 14.01 28.94 4.52
CA GLY A 145 13.10 28.21 5.41
C GLY A 145 13.40 26.72 5.46
N ARG A 146 12.44 25.92 5.01
CA ARG A 146 12.62 24.46 5.01
C ARG A 146 13.59 23.94 3.95
N VAL A 147 14.22 24.86 3.22
CA VAL A 147 15.25 24.49 2.26
C VAL A 147 16.47 25.02 3.00
N ALA A 148 17.16 24.10 3.67
CA ALA A 148 18.31 24.41 4.50
C ALA A 148 19.47 23.49 4.16
N THR A 149 20.61 24.09 3.83
CA THR A 149 21.77 23.33 3.46
C THR A 149 22.94 23.51 4.42
N PHE A 150 23.57 22.40 4.77
CA PHE A 150 24.71 22.45 5.65
C PHE A 150 25.92 22.65 4.75
N ARG A 151 26.76 23.63 5.09
CA ARG A 151 27.97 23.92 4.31
C ARG A 151 29.14 24.16 5.23
N LYS A 152 30.16 23.32 5.10
CA LYS A 152 31.35 23.48 5.89
C LYS A 152 32.48 22.84 5.10
N GLY A 153 33.44 23.66 4.69
CA GLY A 153 34.56 23.18 3.90
C GLY A 153 34.00 22.77 2.55
N ASN A 154 34.12 21.49 2.23
CA ASN A 154 33.60 20.95 0.98
C ASN A 154 32.37 20.12 1.25
N TYR A 155 32.04 19.97 2.53
CA TYR A 155 30.89 19.20 2.92
C TYR A 155 29.65 20.03 2.62
N VAL A 156 28.68 19.40 1.96
CA VAL A 156 27.41 20.01 1.59
C VAL A 156 26.37 18.94 1.82
N ALA A 157 25.34 19.25 2.60
CA ALA A 157 24.28 18.29 2.91
C ALA A 157 22.98 19.00 3.27
N ASP A 158 21.89 18.64 2.61
CA ASP A 158 20.61 19.26 2.88
C ASP A 158 19.94 18.70 4.12
N LEU A 159 19.50 19.59 5.00
CA LEU A 159 18.82 19.17 6.21
C LEU A 159 17.32 19.18 5.98
N GLY A 160 16.89 19.92 4.96
CA GLY A 160 15.47 20.01 4.60
C GLY A 160 15.24 19.33 3.26
N ALA A 161 14.53 20.02 2.36
CA ALA A 161 14.25 19.51 1.02
C ALA A 161 15.52 19.04 0.37
N MET A 162 15.45 17.93 -0.34
CA MET A 162 16.64 17.38 -0.95
C MET A 162 16.41 16.79 -2.33
N VAL A 163 15.20 16.26 -2.55
CA VAL A 163 14.88 15.59 -3.81
C VAL A 163 13.96 16.36 -4.74
N VAL A 164 14.27 16.31 -6.04
CA VAL A 164 13.46 16.93 -7.08
C VAL A 164 12.84 15.67 -7.66
N THR A 165 11.53 15.55 -7.47
CA THR A 165 10.78 14.36 -7.87
C THR A 165 10.35 14.27 -9.32
N GLY A 166 11.31 14.34 -10.24
CA GLY A 166 10.99 14.28 -11.65
C GLY A 166 10.84 15.66 -12.23
N LEU A 167 11.36 15.87 -13.43
CA LEU A 167 11.30 17.16 -14.09
C LEU A 167 10.09 17.36 -15.01
N GLY A 168 9.43 16.27 -15.41
CA GLY A 168 8.26 16.33 -16.30
C GLY A 168 7.05 17.01 -15.68
N GLY A 169 6.84 18.28 -16.02
CA GLY A 169 5.72 19.05 -15.48
C GLY A 169 6.08 19.83 -14.23
N ASN A 170 7.33 19.69 -13.79
CA ASN A 170 7.81 20.35 -12.59
C ASN A 170 8.31 21.78 -12.89
N PRO A 171 7.77 22.80 -12.19
CA PRO A 171 8.26 24.17 -12.34
C PRO A 171 9.72 24.31 -11.93
N MET A 172 10.23 23.37 -11.12
CA MET A 172 11.64 23.40 -10.73
C MET A 172 12.54 23.15 -11.95
N ALA A 173 11.97 22.64 -13.03
CA ALA A 173 12.75 22.40 -14.24
C ALA A 173 13.14 23.74 -14.81
N VAL A 174 12.22 24.70 -14.78
CA VAL A 174 12.50 26.03 -15.26
C VAL A 174 13.53 26.67 -14.31
N VAL A 175 13.29 26.58 -13.01
CA VAL A 175 14.20 27.14 -12.02
C VAL A 175 15.62 26.60 -12.18
N SER A 176 15.75 25.31 -12.47
CA SER A 176 17.06 24.69 -12.63
C SER A 176 17.85 25.20 -13.85
N LYS A 177 17.17 25.82 -14.80
CA LYS A 177 17.85 26.38 -15.97
C LYS A 177 18.25 27.81 -15.65
N GLN A 178 17.54 28.41 -14.71
CA GLN A 178 17.81 29.79 -14.32
C GLN A 178 18.88 29.89 -13.24
N VAL A 179 18.92 28.90 -12.37
CA VAL A 179 19.87 28.87 -11.27
C VAL A 179 20.93 27.82 -11.51
N ASN A 180 22.12 28.06 -10.96
CA ASN A 180 23.23 27.12 -11.06
C ASN A 180 22.91 25.87 -10.22
N MET A 181 22.01 25.02 -10.73
CA MET A 181 21.61 23.81 -10.02
C MET A 181 22.30 22.65 -10.68
N GLU A 182 22.95 21.82 -9.86
CA GLU A 182 23.68 20.67 -10.35
C GLU A 182 22.87 19.43 -9.98
N LEU A 183 21.94 19.05 -10.85
CA LEU A 183 21.08 17.89 -10.61
C LEU A 183 21.73 16.56 -10.96
N ALA A 184 21.61 15.60 -10.03
CA ALA A 184 22.19 14.27 -10.22
C ALA A 184 21.14 13.20 -9.98
N LYS A 185 21.04 12.25 -10.91
CA LYS A 185 20.07 11.17 -10.79
C LYS A 185 20.31 10.28 -9.59
N ILE A 186 19.23 9.83 -8.99
CA ILE A 186 19.26 8.96 -7.84
C ILE A 186 19.08 7.53 -8.37
N LYS A 187 20.11 6.69 -8.27
CA LYS A 187 20.01 5.31 -8.71
C LYS A 187 19.04 4.64 -7.74
N GLN A 188 18.04 3.93 -8.24
CA GLN A 188 17.07 3.31 -7.33
C GLN A 188 17.48 2.03 -6.58
N LYS A 189 18.61 1.41 -6.94
CA LYS A 189 19.03 0.20 -6.22
C LYS A 189 19.30 0.57 -4.76
N CYS A 190 18.69 -0.18 -3.84
CA CYS A 190 18.80 0.04 -2.41
C CYS A 190 18.84 -1.28 -1.66
N PRO A 191 20.04 -1.84 -1.44
CA PRO A 191 20.12 -3.04 -0.61
C PRO A 191 19.72 -2.76 0.84
N LEU A 192 19.22 -3.78 1.53
CA LEU A 192 18.81 -3.65 2.91
C LEU A 192 19.64 -4.59 3.75
N TYR A 193 19.97 -4.17 4.97
CA TYR A 193 20.77 -5.01 5.86
C TYR A 193 20.01 -5.18 7.16
N GLU A 194 19.80 -6.44 7.55
CA GLU A 194 19.10 -6.74 8.80
C GLU A 194 19.93 -6.25 9.96
N ALA A 195 19.31 -6.16 11.14
CA ALA A 195 19.97 -5.70 12.35
C ALA A 195 21.33 -6.38 12.62
N ASN A 196 21.44 -7.66 12.27
CA ASN A 196 22.69 -8.40 12.46
C ASN A 196 23.81 -7.94 11.50
N GLY A 197 23.45 -7.07 10.57
CA GLY A 197 24.39 -6.53 9.59
C GLY A 197 24.49 -7.28 8.27
N GLN A 198 23.87 -8.45 8.16
CA GLN A 198 23.93 -9.22 6.91
C GLN A 198 22.84 -8.81 5.92
N ALA A 199 23.21 -8.76 4.64
CA ALA A 199 22.29 -8.35 3.57
C ALA A 199 21.07 -9.27 3.39
N VAL A 200 20.00 -8.69 2.86
CA VAL A 200 18.77 -9.41 2.58
C VAL A 200 18.85 -9.99 1.17
N PRO A 201 18.73 -11.32 1.03
CA PRO A 201 18.74 -11.93 -0.30
C PRO A 201 17.73 -11.30 -1.25
N LYS A 202 18.05 -11.31 -2.55
CA LYS A 202 17.19 -10.75 -3.60
C LYS A 202 15.77 -11.28 -3.51
N GLU A 203 15.65 -12.60 -3.32
CA GLU A 203 14.38 -13.29 -3.21
C GLU A 203 13.45 -12.71 -2.15
N LYS A 204 13.96 -12.55 -0.92
CA LYS A 204 13.15 -12.00 0.17
C LYS A 204 12.73 -10.58 -0.21
N ASP A 205 13.72 -9.73 -0.41
CA ASP A 205 13.52 -8.34 -0.78
C ASP A 205 12.35 -8.16 -1.74
N GLU A 206 12.38 -8.86 -2.87
CA GLU A 206 11.32 -8.77 -3.87
C GLU A 206 9.97 -9.27 -3.35
N MET A 207 9.96 -10.45 -2.73
CA MET A 207 8.72 -11.02 -2.19
C MET A 207 8.05 -10.08 -1.17
N VAL A 208 8.83 -9.54 -0.24
CA VAL A 208 8.31 -8.65 0.79
C VAL A 208 7.81 -7.33 0.18
N GLU A 209 8.54 -6.81 -0.81
CA GLU A 209 8.13 -5.58 -1.45
C GLU A 209 6.82 -5.78 -2.20
N GLN A 210 6.67 -6.93 -2.83
CA GLN A 210 5.46 -7.24 -3.57
C GLN A 210 4.30 -7.30 -2.58
N GLU A 211 4.53 -7.95 -1.43
CA GLU A 211 3.51 -8.05 -0.39
C GLU A 211 3.14 -6.66 0.13
N PHE A 212 4.16 -5.82 0.33
CA PHE A 212 3.95 -4.47 0.81
C PHE A 212 3.00 -3.75 -0.15
N ASN A 213 3.26 -3.89 -1.46
CA ASN A 213 2.42 -3.25 -2.45
C ASN A 213 1.04 -3.90 -2.46
N ARG A 214 1.00 -5.20 -2.28
CA ARG A 214 -0.27 -5.90 -2.24
C ARG A 214 -1.10 -5.39 -1.06
N LEU A 215 -0.45 -5.20 0.09
CA LEU A 215 -1.16 -4.69 1.26
C LEU A 215 -1.67 -3.26 1.05
N LEU A 216 -0.93 -2.42 0.32
CA LEU A 216 -1.43 -1.07 0.10
C LEU A 216 -2.67 -1.16 -0.77
N GLU A 217 -2.57 -1.94 -1.84
CA GLU A 217 -3.68 -2.18 -2.76
C GLU A 217 -4.89 -2.67 -1.98
N ALA A 218 -4.65 -3.54 -1.00
CA ALA A 218 -5.70 -4.09 -0.16
C ALA A 218 -6.43 -3.05 0.69
N THR A 219 -5.70 -2.05 1.20
CA THR A 219 -6.35 -1.04 2.02
C THR A 219 -7.25 -0.17 1.17
N SER A 220 -6.88 -0.03 -0.09
CA SER A 220 -7.64 0.76 -1.04
C SER A 220 -8.98 0.06 -1.32
N TYR A 221 -8.95 -1.27 -1.41
CA TYR A 221 -10.15 -2.05 -1.62
C TYR A 221 -11.03 -1.90 -0.38
N LEU A 222 -10.42 -2.02 0.78
CA LEU A 222 -11.10 -1.86 2.05
C LEU A 222 -11.79 -0.50 2.15
N SER A 223 -11.23 0.51 1.50
CA SER A 223 -11.80 1.84 1.55
C SER A 223 -12.91 2.10 0.53
N HIS A 224 -12.65 1.80 -0.73
CA HIS A 224 -13.61 2.02 -1.82
C HIS A 224 -14.69 0.96 -2.03
N GLN A 225 -14.47 -0.26 -1.54
CA GLN A 225 -15.45 -1.31 -1.74
C GLN A 225 -16.22 -1.76 -0.51
N LEU A 226 -15.56 -1.79 0.65
CA LEU A 226 -16.24 -2.19 1.87
C LEU A 226 -16.62 -0.93 2.68
N ASP A 227 -16.21 0.23 2.16
CA ASP A 227 -16.49 1.53 2.78
C ASP A 227 -16.11 1.57 4.28
N PHE A 228 -14.97 0.97 4.59
CA PHE A 228 -14.44 0.89 5.94
C PHE A 228 -13.69 2.19 6.18
N ASN A 229 -14.43 3.28 6.37
CA ASN A 229 -13.77 4.57 6.56
C ASN A 229 -14.07 5.28 7.89
N VAL A 230 -14.94 4.68 8.69
CA VAL A 230 -15.30 5.22 10.00
C VAL A 230 -15.43 4.06 10.97
N LEU A 231 -14.77 4.16 12.12
CA LEU A 231 -14.80 3.09 13.13
C LEU A 231 -14.89 3.71 14.51
N ASN A 232 -16.06 3.54 15.15
CA ASN A 232 -16.34 4.09 16.49
C ASN A 232 -16.30 5.61 16.44
N ASN A 233 -17.04 6.17 15.49
CA ASN A 233 -17.13 7.63 15.27
C ASN A 233 -15.81 8.28 14.89
N LYS A 234 -14.77 7.46 14.71
CA LYS A 234 -13.46 7.98 14.37
C LYS A 234 -13.03 7.61 12.96
N PRO A 235 -12.44 8.59 12.22
CA PRO A 235 -11.90 8.32 10.90
C PRO A 235 -10.80 7.26 10.95
N VAL A 236 -10.86 6.33 10.00
CA VAL A 236 -9.89 5.25 9.91
C VAL A 236 -8.61 5.76 9.28
N SER A 237 -7.50 5.31 9.83
CA SER A 237 -6.19 5.70 9.33
C SER A 237 -5.64 4.58 8.47
N LEU A 238 -4.60 4.90 7.69
CA LEU A 238 -3.95 3.92 6.84
C LEU A 238 -3.42 2.79 7.71
N GLY A 239 -2.75 3.15 8.81
CA GLY A 239 -2.19 2.21 9.76
C GLY A 239 -3.22 1.19 10.19
N GLN A 240 -4.36 1.66 10.68
CA GLN A 240 -5.45 0.76 11.10
C GLN A 240 -5.85 -0.19 10.00
N ALA A 241 -6.05 0.33 8.78
CA ALA A 241 -6.46 -0.49 7.67
C ALA A 241 -5.44 -1.57 7.44
N LEU A 242 -4.15 -1.22 7.41
CA LEU A 242 -3.09 -2.22 7.20
C LEU A 242 -3.12 -3.30 8.28
N GLU A 243 -3.30 -2.89 9.53
CA GLU A 243 -3.37 -3.85 10.62
C GLU A 243 -4.52 -4.82 10.39
N VAL A 244 -5.66 -4.32 9.93
CA VAL A 244 -6.82 -5.18 9.68
C VAL A 244 -6.53 -6.17 8.54
N VAL A 245 -5.95 -5.65 7.47
CA VAL A 245 -5.63 -6.49 6.32
C VAL A 245 -4.66 -7.61 6.70
N ILE A 246 -3.65 -7.27 7.49
CA ILE A 246 -2.66 -8.24 7.94
C ILE A 246 -3.31 -9.27 8.85
N GLN A 247 -4.18 -8.83 9.73
CA GLN A 247 -4.86 -9.76 10.61
C GLN A 247 -5.69 -10.73 9.79
N LEU A 248 -6.37 -10.22 8.76
CA LEU A 248 -7.20 -11.05 7.90
C LEU A 248 -6.38 -12.10 7.12
N GLN A 249 -5.15 -11.75 6.76
CA GLN A 249 -4.25 -12.69 6.05
C GLN A 249 -3.79 -13.76 7.04
N GLU A 250 -3.60 -13.36 8.30
CA GLU A 250 -3.19 -14.31 9.33
C GLU A 250 -4.35 -15.28 9.56
N LYS A 251 -5.56 -14.73 9.55
CA LYS A 251 -6.77 -15.51 9.73
C LYS A 251 -6.91 -16.50 8.58
N HIS A 252 -6.65 -16.04 7.36
CA HIS A 252 -6.77 -16.93 6.20
C HIS A 252 -5.77 -18.09 6.27
N VAL A 253 -4.57 -17.84 6.77
CA VAL A 253 -3.55 -18.87 6.88
C VAL A 253 -4.06 -19.96 7.84
N LYS A 254 -4.69 -19.53 8.92
CA LYS A 254 -5.24 -20.45 9.91
C LYS A 254 -6.50 -21.13 9.39
N ASP A 255 -7.29 -20.43 8.57
CA ASP A 255 -8.49 -21.03 8.00
C ASP A 255 -8.11 -22.18 7.06
N GLU A 256 -7.03 -22.00 6.30
CA GLU A 256 -6.54 -23.01 5.37
C GLU A 256 -5.91 -24.19 6.11
N GLN A 257 -5.23 -23.91 7.21
CA GLN A 257 -4.60 -24.97 7.99
C GLN A 257 -5.70 -25.88 8.52
N ILE A 258 -6.75 -25.27 9.04
CA ILE A 258 -7.89 -25.98 9.58
C ILE A 258 -8.53 -26.85 8.50
N GLU A 259 -8.87 -26.27 7.35
CA GLU A 259 -9.48 -27.08 6.30
C GLU A 259 -8.57 -28.21 5.81
N HIS A 260 -7.25 -28.02 5.89
CA HIS A 260 -6.31 -29.05 5.47
C HIS A 260 -6.34 -30.21 6.47
N TRP A 261 -6.24 -29.90 7.77
CA TRP A 261 -6.28 -30.95 8.78
C TRP A 261 -7.66 -31.60 8.89
N LYS A 262 -8.71 -30.90 8.48
CA LYS A 262 -10.05 -31.45 8.50
C LYS A 262 -10.25 -32.46 7.37
N LYS A 263 -9.47 -32.32 6.30
CA LYS A 263 -9.55 -33.25 5.19
C LYS A 263 -8.85 -34.52 5.61
N ILE A 264 -7.84 -34.36 6.45
CA ILE A 264 -7.09 -35.49 6.94
C ILE A 264 -7.98 -36.33 7.87
N VAL A 265 -8.64 -35.69 8.84
CA VAL A 265 -9.54 -36.45 9.74
C VAL A 265 -10.66 -37.12 8.95
N LYS A 266 -11.28 -36.40 8.03
CA LYS A 266 -12.36 -36.98 7.25
C LYS A 266 -11.90 -38.27 6.58
N THR A 267 -10.72 -38.24 5.95
CA THR A 267 -10.15 -39.41 5.28
C THR A 267 -9.74 -40.44 6.31
N GLN A 268 -9.04 -39.98 7.34
CA GLN A 268 -8.57 -40.80 8.44
C GLN A 268 -9.77 -41.53 9.05
N GLU A 269 -10.94 -40.88 9.04
CA GLU A 269 -12.18 -41.48 9.55
C GLU A 269 -12.78 -42.50 8.60
N GLU A 270 -12.73 -42.22 7.29
CA GLU A 270 -13.25 -43.15 6.29
C GLU A 270 -12.47 -44.45 6.41
N LEU A 271 -11.18 -44.31 6.69
CA LEU A 271 -10.27 -45.42 6.84
C LEU A 271 -10.72 -46.30 8.03
N LYS A 272 -11.04 -45.64 9.14
CA LYS A 272 -11.50 -46.31 10.36
C LYS A 272 -12.70 -47.18 10.03
N GLU A 273 -13.68 -46.61 9.33
CA GLU A 273 -14.89 -47.36 8.96
C GLU A 273 -14.58 -48.54 8.07
N LEU A 274 -13.66 -48.36 7.13
CA LEU A 274 -13.27 -49.41 6.22
C LEU A 274 -12.52 -50.52 6.96
N LEU A 275 -11.63 -50.13 7.86
CA LEU A 275 -10.87 -51.09 8.65
C LEU A 275 -11.81 -51.91 9.52
N ASN A 276 -12.80 -51.25 10.13
CA ASN A 276 -13.79 -51.94 10.96
C ASN A 276 -14.50 -53.01 10.14
N LYS A 277 -14.92 -52.65 8.93
CA LYS A 277 -15.60 -53.60 8.04
C LYS A 277 -14.67 -54.77 7.77
N MET A 278 -13.42 -54.46 7.44
CA MET A 278 -12.43 -55.49 7.15
C MET A 278 -12.18 -56.43 8.32
N VAL A 279 -12.08 -55.89 9.54
CA VAL A 279 -11.86 -56.72 10.72
C VAL A 279 -13.04 -57.67 10.96
N ASN A 280 -14.25 -57.14 10.80
CA ASN A 280 -15.47 -57.96 10.96
C ASN A 280 -15.58 -59.00 9.86
N LEU A 281 -15.17 -58.62 8.66
CA LEU A 281 -15.21 -59.51 7.52
C LEU A 281 -14.18 -60.63 7.69
N LYS A 282 -13.03 -60.31 8.29
CA LYS A 282 -12.01 -61.31 8.53
C LYS A 282 -12.50 -62.33 9.55
N GLU A 283 -13.32 -61.87 10.52
CA GLU A 283 -13.88 -62.77 11.53
C GLU A 283 -14.80 -63.75 10.83
N LYS A 284 -15.71 -63.22 10.00
CA LYS A 284 -16.65 -64.06 9.26
C LYS A 284 -15.92 -65.07 8.39
N ILE A 285 -14.87 -64.62 7.72
CA ILE A 285 -14.07 -65.49 6.86
C ILE A 285 -13.40 -66.58 7.70
N LYS A 286 -12.85 -66.19 8.84
CA LYS A 286 -12.18 -67.11 9.78
C LYS A 286 -13.18 -68.21 10.20
N GLU A 287 -14.40 -67.78 10.50
CA GLU A 287 -15.47 -68.67 10.91
C GLU A 287 -15.95 -69.60 9.80
N LEU A 288 -16.13 -69.05 8.60
CA LEU A 288 -16.58 -69.84 7.47
C LEU A 288 -15.59 -70.92 7.13
N HIS A 289 -14.31 -70.57 7.15
CA HIS A 289 -13.24 -71.52 6.85
C HIS A 289 -13.32 -72.72 7.79
N GLN A 290 -13.54 -72.44 9.07
CA GLN A 290 -13.65 -73.46 10.08
C GLN A 290 -14.84 -74.37 9.76
N GLN A 291 -15.95 -73.77 9.36
CA GLN A 291 -17.14 -74.53 9.01
C GLN A 291 -16.91 -75.38 7.77
N TYR A 292 -16.22 -74.80 6.78
CA TYR A 292 -15.90 -75.49 5.55
C TYR A 292 -15.01 -76.68 5.87
N LYS A 293 -14.05 -76.47 6.76
CA LYS A 293 -13.12 -77.51 7.18
C LYS A 293 -13.85 -78.68 7.87
N GLU A 294 -14.85 -78.34 8.67
CA GLU A 294 -15.65 -79.33 9.38
C GLU A 294 -16.54 -80.11 8.40
N ALA A 295 -17.08 -79.40 7.41
CA ALA A 295 -17.93 -80.03 6.42
C ALA A 295 -17.12 -80.99 5.56
N SER A 296 -15.84 -80.64 5.33
CA SER A 296 -14.92 -81.46 4.54
C SER A 296 -14.45 -82.71 5.29
N GLU A 297 -14.83 -82.82 6.57
CA GLU A 297 -14.46 -83.97 7.41
C GLU A 297 -15.41 -85.12 7.14
N VAL A 298 -16.62 -84.80 6.70
CA VAL A 298 -17.63 -85.80 6.39
C VAL A 298 -17.10 -86.20 5.04
N LYS A 299 -16.43 -87.36 5.01
CA LYS A 299 -15.85 -87.88 3.78
C LYS A 299 -16.86 -88.70 3.00
N PRO A 300 -16.70 -88.73 1.68
CA PRO A 300 -17.61 -89.47 0.81
C PRO A 300 -17.36 -90.97 0.89
N PRO A 301 -18.31 -91.76 0.39
CA PRO A 301 -19.53 -91.22 -0.22
C PRO A 301 -20.44 -90.59 0.83
N ARG A 302 -20.98 -89.42 0.53
CA ARG A 302 -21.87 -88.71 1.45
C ARG A 302 -23.16 -88.32 0.75
N ASP A 303 -24.23 -88.16 1.52
CA ASP A 303 -25.53 -87.78 0.96
C ASP A 303 -25.44 -86.40 0.33
N ILE A 304 -26.39 -86.04 -0.51
CA ILE A 304 -26.34 -84.75 -1.18
C ILE A 304 -26.36 -83.48 -0.29
N THR A 305 -26.88 -83.57 0.93
CA THR A 305 -26.89 -82.39 1.82
C THR A 305 -25.48 -82.10 2.32
N ALA A 306 -24.73 -83.19 2.62
CA ALA A 306 -23.35 -83.08 3.07
C ALA A 306 -22.50 -82.44 1.96
N GLU A 307 -22.71 -82.91 0.73
CA GLU A 307 -22.02 -82.39 -0.45
C GLU A 307 -22.46 -80.97 -0.63
N PHE A 308 -23.75 -80.70 -0.48
CA PHE A 308 -24.23 -79.32 -0.63
C PHE A 308 -23.54 -78.41 0.36
N LEU A 309 -23.40 -78.88 1.61
CA LEU A 309 -22.76 -78.09 2.65
C LEU A 309 -21.34 -77.67 2.26
N VAL A 310 -20.54 -78.61 1.78
CA VAL A 310 -19.17 -78.32 1.36
C VAL A 310 -19.15 -77.30 0.23
N LYS A 311 -19.89 -77.58 -0.84
CA LYS A 311 -19.98 -76.70 -2.01
C LYS A 311 -20.54 -75.33 -1.63
N SER A 312 -21.57 -75.33 -0.81
CA SER A 312 -22.23 -74.10 -0.36
C SER A 312 -21.30 -73.21 0.46
N LYS A 313 -20.62 -73.81 1.43
CA LYS A 313 -19.70 -73.04 2.28
C LYS A 313 -18.56 -72.51 1.42
N HIS A 314 -18.12 -73.32 0.45
CA HIS A 314 -17.04 -72.92 -0.44
C HIS A 314 -17.41 -71.64 -1.16
N ARG A 315 -18.59 -71.63 -1.77
CA ARG A 315 -19.07 -70.46 -2.50
C ARG A 315 -19.17 -69.21 -1.61
N ASP A 316 -19.73 -69.38 -0.42
CA ASP A 316 -19.88 -68.28 0.53
C ASP A 316 -18.52 -67.73 0.95
N LEU A 317 -17.55 -68.61 1.09
CA LEU A 317 -16.20 -68.23 1.46
C LEU A 317 -15.52 -67.43 0.35
N THR A 318 -15.64 -67.90 -0.89
CA THR A 318 -15.06 -67.20 -2.04
C THR A 318 -15.68 -65.82 -2.19
N ALA A 319 -17.01 -65.74 -2.10
CA ALA A 319 -17.72 -64.49 -2.21
C ALA A 319 -17.21 -63.47 -1.19
N LEU A 320 -17.02 -63.91 0.06
CA LEU A 320 -16.52 -63.05 1.12
C LEU A 320 -15.06 -62.66 0.90
N CYS A 321 -14.26 -63.57 0.34
CA CYS A 321 -12.87 -63.26 0.06
C CYS A 321 -12.78 -62.21 -1.04
N LYS A 322 -13.76 -62.20 -1.93
CA LYS A 322 -13.82 -61.22 -3.01
C LYS A 322 -14.16 -59.86 -2.40
N GLU A 323 -15.02 -59.86 -1.38
CA GLU A 323 -15.40 -58.62 -0.71
C GLU A 323 -14.21 -58.01 0.01
N TYR A 324 -13.39 -58.88 0.61
CA TYR A 324 -12.20 -58.46 1.34
C TYR A 324 -11.15 -57.85 0.40
N ASP A 325 -10.97 -58.45 -0.77
CA ASP A 325 -9.99 -57.95 -1.75
C ASP A 325 -10.36 -56.59 -2.30
N GLU A 326 -11.67 -56.33 -2.37
CA GLU A 326 -12.20 -55.07 -2.85
C GLU A 326 -11.96 -53.98 -1.81
N LEU A 327 -12.17 -54.34 -0.55
CA LEU A 327 -11.96 -53.42 0.56
C LEU A 327 -10.46 -53.14 0.74
N ALA A 328 -9.62 -54.14 0.45
CA ALA A 328 -8.17 -53.98 0.56
C ALA A 328 -7.69 -53.03 -0.53
N GLU A 329 -8.40 -53.04 -1.65
CA GLU A 329 -8.11 -52.17 -2.79
C GLU A 329 -8.42 -50.73 -2.39
N THR A 330 -9.53 -50.55 -1.67
CA THR A 330 -9.97 -49.24 -1.19
C THR A 330 -9.04 -48.73 -0.09
N GLN A 331 -8.49 -49.66 0.70
CA GLN A 331 -7.56 -49.29 1.78
C GLN A 331 -6.30 -48.66 1.22
N GLY A 332 -5.77 -49.22 0.13
CA GLY A 332 -4.56 -48.71 -0.52
C GLY A 332 -4.76 -47.34 -1.13
N LYS A 333 -6.00 -47.04 -1.52
CA LYS A 333 -6.37 -45.76 -2.12
C LYS A 333 -6.43 -44.68 -1.05
N LEU A 334 -7.06 -45.00 0.08
CA LEU A 334 -7.19 -44.07 1.18
C LEU A 334 -5.84 -43.82 1.84
N GLU A 335 -5.07 -44.89 2.02
CA GLU A 335 -3.74 -44.79 2.65
C GLU A 335 -2.83 -43.83 1.90
N GLU A 336 -2.83 -43.93 0.56
CA GLU A 336 -1.99 -43.07 -0.27
C GLU A 336 -2.56 -41.66 -0.35
N LYS A 337 -3.89 -41.54 -0.29
CA LYS A 337 -4.54 -40.25 -0.32
C LYS A 337 -4.15 -39.46 0.93
N LEU A 338 -3.71 -40.17 1.98
CA LEU A 338 -3.29 -39.56 3.24
C LEU A 338 -1.83 -39.14 3.19
N GLN A 339 -0.98 -39.96 2.56
CA GLN A 339 0.45 -39.65 2.44
C GLN A 339 0.61 -38.46 1.49
N GLU A 340 -0.44 -38.20 0.72
CA GLU A 340 -0.50 -37.11 -0.21
C GLU A 340 -0.80 -35.82 0.52
N LEU A 341 -1.83 -35.84 1.36
CA LEU A 341 -2.21 -34.67 2.13
C LEU A 341 -1.15 -34.35 3.18
N GLU A 342 -0.63 -35.39 3.84
CA GLU A 342 0.42 -35.21 4.86
C GLU A 342 1.64 -34.53 4.24
N ALA A 343 1.90 -34.82 2.97
CA ALA A 343 3.04 -34.23 2.25
C ALA A 343 2.78 -32.86 1.65
N ASN A 344 1.52 -32.46 1.53
CA ASN A 344 1.15 -31.15 0.97
C ASN A 344 0.47 -30.21 1.97
N PRO A 345 1.19 -29.81 3.04
CA PRO A 345 0.55 -28.87 3.96
C PRO A 345 0.52 -27.47 3.37
N PRO A 346 -0.42 -26.66 3.82
CA PRO A 346 -0.55 -25.30 3.38
C PRO A 346 0.48 -24.54 4.17
N SER A 347 0.53 -23.22 4.01
CA SER A 347 1.50 -22.42 4.70
C SER A 347 1.37 -22.35 6.20
N ASP A 348 2.52 -22.32 6.84
CA ASP A 348 2.63 -22.28 8.28
C ASP A 348 2.32 -20.92 8.89
N VAL A 349 2.82 -19.85 8.28
CA VAL A 349 2.60 -18.49 8.75
C VAL A 349 2.33 -17.57 7.57
N TYR A 350 1.77 -16.40 7.86
CA TYR A 350 1.52 -15.41 6.84
C TYR A 350 2.88 -14.74 6.62
N LEU A 351 3.47 -14.26 7.72
CA LEU A 351 4.77 -13.64 7.67
C LEU A 351 5.60 -14.02 8.87
N SER A 352 6.82 -14.51 8.63
CA SER A 352 7.71 -14.86 9.72
C SER A 352 8.19 -13.57 10.40
N SER A 353 8.93 -13.71 11.50
CA SER A 353 9.46 -12.58 12.24
C SER A 353 10.39 -11.74 11.37
N ARG A 354 11.20 -12.44 10.57
CA ARG A 354 12.15 -11.80 9.67
C ARG A 354 11.38 -11.05 8.59
N ASP A 355 10.37 -11.71 8.02
CA ASP A 355 9.56 -11.09 6.97
C ASP A 355 8.89 -9.83 7.50
N ARG A 356 8.40 -9.88 8.73
CA ARG A 356 7.74 -8.75 9.34
C ARG A 356 8.69 -7.57 9.54
N GLN A 357 9.95 -7.85 9.90
CA GLN A 357 10.93 -6.79 10.09
C GLN A 357 11.21 -6.12 8.76
N ILE A 358 11.38 -6.92 7.70
CA ILE A 358 11.65 -6.35 6.38
C ILE A 358 10.43 -5.55 5.93
N LEU A 359 9.23 -6.07 6.22
CA LEU A 359 8.01 -5.36 5.86
C LEU A 359 7.94 -4.03 6.60
N ASP A 360 8.36 -4.03 7.87
CA ASP A 360 8.37 -2.80 8.64
C ASP A 360 9.33 -1.78 8.03
N TRP A 361 10.34 -2.25 7.30
CA TRP A 361 11.27 -1.32 6.67
C TRP A 361 10.48 -0.57 5.61
N HIS A 362 9.68 -1.28 4.83
CA HIS A 362 8.87 -0.64 3.81
C HIS A 362 7.88 0.35 4.42
N PHE A 363 7.29 -0.01 5.57
CA PHE A 363 6.36 0.90 6.24
C PHE A 363 7.12 2.15 6.71
N ALA A 364 8.31 1.93 7.25
CA ALA A 364 9.13 3.05 7.71
C ALA A 364 9.38 3.99 6.52
N ASN A 365 9.63 3.38 5.36
CA ASN A 365 9.89 4.14 4.15
C ASN A 365 8.71 5.01 3.74
N LEU A 366 7.50 4.46 3.91
CA LEU A 366 6.27 5.19 3.61
C LEU A 366 6.08 6.28 4.67
N GLU A 367 6.46 5.99 5.92
CA GLU A 367 6.34 6.95 7.01
C GLU A 367 7.31 8.09 6.75
N PHE A 368 8.44 7.78 6.12
CA PHE A 368 9.38 8.83 5.79
C PHE A 368 8.80 9.69 4.66
N ALA A 369 8.31 9.07 3.59
CA ALA A 369 7.73 9.84 2.49
C ALA A 369 6.63 10.79 2.95
N ASN A 370 5.76 10.33 3.85
CA ASN A 370 4.68 11.16 4.33
C ASN A 370 5.00 11.92 5.61
N ALA A 371 6.26 11.80 6.06
CA ALA A 371 6.72 12.47 7.29
C ALA A 371 5.78 12.30 8.47
N THR A 372 5.22 11.11 8.62
CA THR A 372 4.28 10.87 9.70
C THR A 372 4.03 9.38 9.91
N PRO A 373 3.75 8.96 11.15
CA PRO A 373 3.40 7.54 11.34
C PRO A 373 2.15 7.15 10.56
N LEU A 374 2.12 5.93 10.02
CA LEU A 374 0.97 5.48 9.25
C LEU A 374 -0.36 5.54 10.02
N SER A 375 -0.29 5.54 11.34
CA SER A 375 -1.50 5.59 12.15
C SER A 375 -2.17 6.96 12.16
N THR A 376 -1.54 7.97 11.53
CA THR A 376 -2.11 9.32 11.48
C THR A 376 -2.66 9.72 10.10
N LEU A 377 -2.32 8.94 9.07
CA LEU A 377 -2.77 9.22 7.71
C LEU A 377 -4.20 8.81 7.43
N SER A 378 -4.90 9.64 6.68
CA SER A 378 -6.27 9.36 6.32
C SER A 378 -6.34 8.15 5.39
N LEU A 379 -7.13 7.13 5.72
CA LEU A 379 -7.19 5.99 4.81
C LEU A 379 -7.81 6.40 3.48
N LYS A 380 -8.81 7.26 3.56
CA LYS A 380 -9.52 7.70 2.38
C LYS A 380 -8.76 8.64 1.46
N HIS A 381 -7.95 9.53 2.03
CA HIS A 381 -7.25 10.52 1.21
C HIS A 381 -5.73 10.64 1.31
N TRP A 382 -5.04 9.76 2.04
CA TRP A 382 -3.58 9.92 2.19
C TRP A 382 -2.84 10.09 0.87
N ASP A 383 -3.33 9.44 -0.18
CA ASP A 383 -2.69 9.53 -1.48
C ASP A 383 -3.52 10.37 -2.47
N GLN A 384 -4.23 11.39 -1.97
CA GLN A 384 -5.09 12.22 -2.83
C GLN A 384 -4.39 12.92 -3.98
N ASP A 385 -3.08 13.15 -3.83
CA ASP A 385 -2.28 13.84 -4.83
C ASP A 385 -1.45 12.93 -5.75
N ASP A 386 -1.64 11.60 -5.66
CA ASP A 386 -0.87 10.67 -6.49
C ASP A 386 -1.00 10.89 -8.01
N ASP A 387 -2.18 11.29 -8.47
CA ASP A 387 -2.41 11.55 -9.90
C ASP A 387 -1.64 12.74 -10.48
N PHE A 388 -1.06 13.57 -9.63
CA PHE A 388 -0.34 14.75 -10.09
C PHE A 388 1.18 14.58 -10.12
N GLU A 389 1.66 13.35 -9.95
CA GLU A 389 3.10 13.09 -9.96
C GLU A 389 3.78 13.46 -11.28
N PHE A 390 5.00 13.97 -11.16
CA PHE A 390 5.78 14.36 -12.31
C PHE A 390 6.46 13.13 -12.94
N THR A 391 6.95 13.28 -14.15
CA THR A 391 7.62 12.19 -14.82
C THR A 391 9.12 12.42 -14.82
N GLY A 392 9.87 11.36 -15.14
CA GLY A 392 11.32 11.44 -15.19
C GLY A 392 11.89 10.91 -13.89
N SER A 393 13.20 10.76 -13.85
CA SER A 393 13.87 10.24 -12.68
C SER A 393 13.99 11.27 -11.57
N HIS A 394 14.02 10.76 -10.34
CA HIS A 394 14.18 11.59 -9.17
C HIS A 394 15.64 12.04 -9.13
N LEU A 395 15.87 13.25 -8.64
CA LEU A 395 17.21 13.82 -8.59
C LEU A 395 17.49 14.48 -7.25
N THR A 396 18.76 14.75 -6.99
CA THR A 396 19.17 15.45 -5.79
C THR A 396 19.98 16.62 -6.26
N VAL A 397 20.04 17.67 -5.44
CA VAL A 397 20.80 18.87 -5.76
C VAL A 397 22.21 18.69 -5.23
N ARG A 398 23.13 18.31 -6.10
CA ARG A 398 24.51 18.04 -5.72
C ARG A 398 25.23 19.17 -5.02
N ASN A 399 24.90 20.41 -5.36
CA ASN A 399 25.54 21.56 -4.74
C ASN A 399 24.72 22.19 -3.59
N GLY A 400 23.71 21.46 -3.11
CA GLY A 400 22.88 21.94 -2.01
C GLY A 400 21.69 22.74 -2.51
N TYR A 401 20.50 22.35 -2.07
CA TYR A 401 19.27 22.99 -2.50
C TYR A 401 19.18 24.49 -2.17
N SER A 402 19.89 24.94 -1.13
CA SER A 402 19.84 26.35 -0.74
C SER A 402 20.21 27.29 -1.88
N CYS A 403 20.84 26.78 -2.93
CA CYS A 403 21.22 27.66 -4.04
C CYS A 403 19.99 28.30 -4.68
N VAL A 404 18.84 27.63 -4.56
CA VAL A 404 17.58 28.13 -5.10
C VAL A 404 17.06 29.37 -4.34
N PRO A 405 16.71 29.22 -3.04
CA PRO A 405 16.26 30.42 -2.31
C PRO A 405 17.29 31.54 -2.30
N VAL A 406 18.55 31.20 -2.11
CA VAL A 406 19.58 32.24 -2.12
C VAL A 406 19.48 33.03 -3.41
N ALA A 407 19.31 32.34 -4.55
CA ALA A 407 19.19 33.02 -5.84
C ALA A 407 17.88 33.81 -5.96
N LEU A 408 16.78 33.25 -5.48
CA LEU A 408 15.49 33.91 -5.54
C LEU A 408 15.48 35.18 -4.70
N ALA A 409 16.35 35.24 -3.68
CA ALA A 409 16.45 36.41 -2.82
C ALA A 409 17.12 37.64 -3.47
N GLU A 410 17.85 37.44 -4.57
CA GLU A 410 18.55 38.55 -5.23
C GLU A 410 17.65 39.75 -5.53
N GLY A 411 18.02 40.92 -5.03
CA GLY A 411 17.24 42.13 -5.30
C GLY A 411 15.98 42.37 -4.50
N LEU A 412 15.69 41.50 -3.54
CA LEU A 412 14.51 41.65 -2.71
C LEU A 412 14.86 42.35 -1.40
N ASP A 413 13.87 42.97 -0.76
CA ASP A 413 14.04 43.65 0.52
C ASP A 413 13.70 42.66 1.61
N ILE A 414 14.72 42.01 2.17
CA ILE A 414 14.46 41.03 3.20
C ILE A 414 14.97 41.46 4.57
N LYS A 415 14.11 41.39 5.59
CA LYS A 415 14.52 41.74 6.95
C LYS A 415 14.71 40.44 7.70
N LEU A 416 15.97 40.05 7.90
CA LEU A 416 16.30 38.83 8.61
C LEU A 416 16.20 39.07 10.11
N ASN A 417 16.19 38.01 10.92
CA ASN A 417 16.09 38.14 12.38
C ASN A 417 14.96 39.04 12.87
N THR A 418 13.83 38.95 12.17
CA THR A 418 12.66 39.72 12.45
C THR A 418 11.53 38.74 12.60
N ALA A 419 11.13 38.47 13.85
CA ALA A 419 10.04 37.53 14.10
C ALA A 419 8.72 38.26 14.27
N VAL A 420 7.78 37.94 13.39
CA VAL A 420 6.46 38.53 13.45
C VAL A 420 5.76 38.00 14.68
N ARG A 421 5.14 38.89 15.44
CA ARG A 421 4.41 38.52 16.65
C ARG A 421 2.91 38.72 16.48
N GLN A 422 2.53 39.75 15.73
CA GLN A 422 1.14 40.07 15.55
C GLN A 422 0.80 40.58 14.15
N VAL A 423 -0.35 40.16 13.65
CA VAL A 423 -0.83 40.57 12.34
C VAL A 423 -2.20 41.20 12.52
N ARG A 424 -2.27 42.51 12.24
CA ARG A 424 -3.50 43.30 12.36
C ARG A 424 -3.99 43.65 10.96
N TYR A 425 -5.24 43.33 10.67
CA TYR A 425 -5.79 43.61 9.34
C TYR A 425 -7.16 44.26 9.47
N THR A 426 -7.31 45.42 8.84
CA THR A 426 -8.58 46.14 8.92
C THR A 426 -9.01 46.58 7.55
N ALA A 427 -10.20 47.18 7.50
CA ALA A 427 -10.79 47.67 6.26
C ALA A 427 -9.93 48.65 5.49
N SER A 428 -8.97 49.30 6.13
CA SER A 428 -8.16 50.26 5.38
C SER A 428 -6.68 49.90 5.27
N GLY A 429 -6.31 48.72 5.72
CA GLY A 429 -4.91 48.35 5.66
C GLY A 429 -4.50 47.46 6.81
N CYS A 430 -3.26 47.01 6.77
CA CYS A 430 -2.76 46.12 7.78
C CYS A 430 -1.55 46.69 8.47
N GLU A 431 -1.25 46.10 9.61
CA GLU A 431 -0.09 46.46 10.35
C GLU A 431 0.43 45.18 10.97
N VAL A 432 1.73 44.96 10.80
CA VAL A 432 2.39 43.77 11.29
C VAL A 432 3.39 44.16 12.35
N ILE A 433 3.30 43.50 13.50
CA ILE A 433 4.19 43.77 14.61
C ILE A 433 5.22 42.67 14.71
N ALA A 434 6.49 43.06 14.68
CA ALA A 434 7.60 42.11 14.74
C ALA A 434 8.69 42.54 15.69
N VAL A 435 9.45 41.58 16.18
CA VAL A 435 10.55 41.87 17.09
C VAL A 435 11.87 41.41 16.49
N ASN A 436 12.97 41.92 17.04
CA ASN A 436 14.30 41.53 16.62
C ASN A 436 14.62 40.26 17.43
N THR A 437 14.86 39.14 16.76
CA THR A 437 15.15 37.88 17.47
C THR A 437 16.38 37.89 18.38
N ARG A 438 17.31 38.82 18.15
CA ARG A 438 18.53 38.92 18.95
C ARG A 438 18.36 39.73 20.26
N SER A 439 17.29 40.53 20.33
CA SER A 439 16.93 41.32 21.52
C SER A 439 15.45 41.62 21.34
N THR A 440 14.62 40.72 21.89
CA THR A 440 13.15 40.78 21.80
C THR A 440 12.45 42.10 22.14
N SER A 441 13.04 42.92 23.00
CA SER A 441 12.42 44.20 23.35
C SER A 441 12.29 45.13 22.13
N GLN A 442 13.26 45.07 21.22
CA GLN A 442 13.27 45.91 20.02
C GLN A 442 12.09 45.56 19.09
N THR A 443 11.15 46.50 18.95
CA THR A 443 9.94 46.31 18.17
C THR A 443 9.84 47.09 16.86
N PHE A 444 9.26 46.45 15.85
CA PHE A 444 9.04 47.04 14.54
C PHE A 444 7.57 46.99 14.12
N ILE A 445 7.14 48.04 13.45
CA ILE A 445 5.77 48.15 12.95
C ILE A 445 5.85 48.30 11.44
N TYR A 446 5.07 47.51 10.72
CA TYR A 446 5.07 47.61 9.26
C TYR A 446 3.65 47.81 8.79
N LYS A 447 3.38 48.94 8.14
CA LYS A 447 2.02 49.16 7.64
C LYS A 447 2.00 48.80 6.16
N CYS A 448 0.91 48.18 5.70
CA CYS A 448 0.82 47.81 4.31
C CYS A 448 -0.63 47.69 3.88
N ASP A 449 -0.83 47.52 2.57
CA ASP A 449 -2.17 47.34 2.01
C ASP A 449 -2.64 45.90 2.16
N ALA A 450 -1.69 44.96 2.19
CA ALA A 450 -2.01 43.52 2.29
C ALA A 450 -0.87 42.71 2.89
N VAL A 451 -1.22 41.60 3.52
CA VAL A 451 -0.23 40.71 4.14
C VAL A 451 -0.33 39.31 3.54
N LEU A 452 0.81 38.77 3.14
CA LEU A 452 0.87 37.42 2.62
C LEU A 452 1.54 36.61 3.71
N CYS A 453 0.79 35.69 4.30
CA CYS A 453 1.30 34.86 5.38
C CYS A 453 1.79 33.52 4.87
N THR A 454 3.07 33.23 5.03
CA THR A 454 3.60 31.94 4.58
C THR A 454 4.16 31.12 5.74
N LEU A 455 3.69 31.44 6.94
CA LEU A 455 4.10 30.75 8.16
C LEU A 455 3.77 29.28 7.95
N PRO A 456 4.63 28.37 8.41
CA PRO A 456 4.31 26.96 8.23
C PRO A 456 3.10 26.52 9.03
N LEU A 457 2.45 25.47 8.56
CA LEU A 457 1.30 24.94 9.26
C LEU A 457 1.65 24.64 10.72
N GLY A 458 2.87 24.13 10.95
CA GLY A 458 3.34 23.83 12.32
C GLY A 458 3.26 25.06 13.20
N VAL A 459 3.67 26.21 12.65
CA VAL A 459 3.61 27.47 13.40
C VAL A 459 2.14 27.86 13.61
N LEU A 460 1.32 27.80 12.56
CA LEU A 460 -0.10 28.13 12.68
C LEU A 460 -0.82 27.31 13.74
N LYS A 461 -0.33 26.09 14.00
CA LYS A 461 -0.94 25.22 15.00
C LYS A 461 -0.51 25.53 16.43
N GLN A 462 0.63 26.20 16.60
CA GLN A 462 1.15 26.49 17.94
C GLN A 462 0.07 26.99 18.89
N GLN A 463 0.01 26.33 20.04
CA GLN A 463 -0.96 26.69 21.09
C GLN A 463 -0.22 26.71 22.44
N PRO A 464 -0.19 27.88 23.12
CA PRO A 464 -0.80 29.14 22.67
C PRO A 464 -0.03 29.69 21.47
N PRO A 465 -0.62 30.63 20.73
CA PRO A 465 -0.07 30.98 19.41
C PRO A 465 1.30 31.68 19.46
N ALA A 466 2.06 31.55 18.38
CA ALA A 466 3.36 32.19 18.26
C ALA A 466 3.11 33.52 17.56
N VAL A 467 2.06 33.56 16.76
CA VAL A 467 1.68 34.74 16.02
C VAL A 467 0.20 34.99 16.28
N GLN A 468 -0.12 36.20 16.70
CA GLN A 468 -1.49 36.52 16.99
C GLN A 468 -2.11 37.28 15.83
N PHE A 469 -3.32 36.90 15.46
CA PHE A 469 -4.04 37.58 14.40
C PHE A 469 -5.11 38.44 15.03
N VAL A 470 -5.17 39.69 14.61
CA VAL A 470 -6.16 40.61 15.15
C VAL A 470 -6.92 41.25 14.00
N PRO A 471 -8.24 40.97 13.88
CA PRO A 471 -9.08 40.06 14.69
C PRO A 471 -8.69 38.59 14.50
N PRO A 472 -9.14 37.72 15.43
CA PRO A 472 -8.73 36.31 15.29
C PRO A 472 -9.20 35.76 13.97
N LEU A 473 -8.53 34.72 13.47
CA LEU A 473 -8.93 34.11 12.22
C LEU A 473 -10.29 33.44 12.47
N PRO A 474 -11.14 33.33 11.44
CA PRO A 474 -12.45 32.70 11.68
C PRO A 474 -12.34 31.20 11.91
N GLU A 475 -13.40 30.59 12.45
CA GLU A 475 -13.41 29.15 12.71
C GLU A 475 -13.20 28.30 11.49
N TRP A 476 -13.72 28.72 10.32
CA TRP A 476 -13.53 27.90 9.13
C TRP A 476 -12.04 27.72 8.84
N LYS A 477 -11.26 28.75 9.09
CA LYS A 477 -9.82 28.67 8.88
C LYS A 477 -9.12 27.93 10.03
N THR A 478 -9.40 28.31 11.28
CA THR A 478 -8.72 27.66 12.41
C THR A 478 -8.97 26.16 12.49
N SER A 479 -10.18 25.73 12.15
CA SER A 479 -10.57 24.31 12.10
C SER A 479 -9.80 23.56 11.03
N ALA A 480 -9.55 24.22 9.91
CA ALA A 480 -8.79 23.60 8.84
C ALA A 480 -7.40 23.40 9.41
N VAL A 481 -6.88 24.43 10.06
CA VAL A 481 -5.55 24.35 10.67
C VAL A 481 -5.47 23.20 11.70
N GLN A 482 -6.50 23.04 12.52
CA GLN A 482 -6.52 21.98 13.51
C GLN A 482 -6.59 20.57 12.89
N ARG A 483 -7.40 20.44 11.85
CA ARG A 483 -7.58 19.18 11.16
C ARG A 483 -6.37 18.66 10.40
N MET A 484 -5.72 19.52 9.60
CA MET A 484 -4.57 19.11 8.79
C MET A 484 -3.46 18.50 9.62
N GLY A 485 -2.70 17.60 9.02
CA GLY A 485 -1.61 17.00 9.72
C GLY A 485 -0.32 17.78 9.46
N PHE A 486 0.56 17.82 10.44
CA PHE A 486 1.86 18.45 10.27
C PHE A 486 2.90 17.47 10.80
N GLY A 487 3.54 16.81 9.85
CA GLY A 487 4.52 15.78 10.16
C GLY A 487 5.89 16.20 10.60
N ASN A 488 6.76 15.21 10.61
CA ASN A 488 8.13 15.35 11.04
C ASN A 488 8.99 14.21 10.50
N LEU A 489 10.25 14.53 10.19
CA LEU A 489 11.26 13.60 9.74
C LEU A 489 12.61 14.28 9.96
N ASN A 490 13.63 13.53 10.33
CA ASN A 490 14.94 14.15 10.58
C ASN A 490 16.10 13.49 9.85
N LYS A 491 17.22 14.20 9.79
CA LYS A 491 18.37 13.70 9.09
C LYS A 491 19.58 13.86 9.97
N VAL A 492 20.48 12.90 9.85
CA VAL A 492 21.73 12.88 10.58
C VAL A 492 22.81 12.89 9.50
N VAL A 493 23.60 13.96 9.47
CA VAL A 493 24.67 14.11 8.50
C VAL A 493 25.99 13.62 9.10
N LEU A 494 26.60 12.64 8.42
CA LEU A 494 27.86 12.06 8.87
C LEU A 494 28.96 12.37 7.85
N CYS A 495 29.89 13.24 8.24
CA CYS A 495 31.00 13.62 7.40
C CYS A 495 32.26 12.82 7.71
N PHE A 496 32.69 12.03 6.74
CA PHE A 496 33.88 11.21 6.94
C PHE A 496 35.06 11.72 6.14
N ASP A 497 36.24 11.19 6.44
CA ASP A 497 37.47 11.57 5.77
C ASP A 497 37.83 10.54 4.69
N ARG A 498 37.01 9.50 4.57
CA ARG A 498 37.21 8.41 3.60
C ARG A 498 35.90 7.66 3.24
N VAL A 499 35.91 6.97 2.10
CA VAL A 499 34.74 6.21 1.64
C VAL A 499 34.90 4.73 1.97
N PHE A 500 34.13 4.25 2.95
CA PHE A 500 34.18 2.83 3.36
C PHE A 500 32.97 2.06 2.82
N TRP A 501 32.05 2.77 2.19
CA TRP A 501 30.85 2.16 1.63
C TRP A 501 30.95 1.97 0.12
N ASP A 502 29.95 1.32 -0.45
CA ASP A 502 29.89 1.07 -1.88
C ASP A 502 29.56 2.38 -2.62
N PRO A 503 30.51 2.88 -3.43
CA PRO A 503 30.34 4.20 -4.04
C PRO A 503 29.34 4.21 -5.19
N SER A 504 29.04 3.04 -5.74
CA SER A 504 28.09 2.94 -6.84
C SER A 504 26.66 2.81 -6.33
N VAL A 505 26.53 2.72 -5.01
CA VAL A 505 25.22 2.60 -4.36
C VAL A 505 24.82 3.96 -3.75
N ASN A 506 23.73 4.54 -4.22
CA ASN A 506 23.25 5.84 -3.70
C ASN A 506 22.58 5.78 -2.36
N LEU A 507 21.97 4.63 -2.05
CA LEU A 507 21.24 4.49 -0.80
C LEU A 507 21.15 3.05 -0.34
N PHE A 508 21.08 2.86 0.97
CA PHE A 508 20.95 1.51 1.54
C PHE A 508 20.15 1.57 2.83
N GLY A 509 19.49 0.46 3.16
CA GLY A 509 18.66 0.45 4.35
C GLY A 509 19.13 -0.36 5.52
N HIS A 510 18.65 0.01 6.71
CA HIS A 510 18.93 -0.70 7.93
C HIS A 510 17.59 -1.15 8.44
N VAL A 511 17.42 -2.46 8.57
CA VAL A 511 16.16 -3.03 9.05
C VAL A 511 16.19 -3.11 10.57
N GLY A 512 15.25 -2.42 11.21
CA GLY A 512 15.16 -2.38 12.66
C GLY A 512 14.73 -3.71 13.27
N SER A 513 14.92 -3.84 14.58
CA SER A 513 14.55 -5.07 15.28
C SER A 513 13.06 -5.18 15.60
N THR A 514 12.45 -4.04 15.90
CA THR A 514 11.03 -4.00 16.25
C THR A 514 10.26 -2.99 15.40
N THR A 515 8.93 -3.14 15.42
CA THR A 515 8.03 -2.27 14.70
C THR A 515 8.15 -0.84 15.26
N ALA A 516 8.18 -0.75 16.59
CA ALA A 516 8.29 0.51 17.31
C ALA A 516 9.42 1.37 16.79
N SER A 517 10.57 0.75 16.54
CA SER A 517 11.74 1.47 16.07
C SER A 517 12.02 1.38 14.56
N ARG A 518 11.05 0.96 13.77
CA ARG A 518 11.25 0.83 12.32
C ARG A 518 11.82 2.07 11.63
N GLY A 519 11.40 3.26 12.04
CA GLY A 519 11.90 4.48 11.40
C GLY A 519 13.24 5.00 11.89
N GLU A 520 13.81 4.36 12.91
CA GLU A 520 15.08 4.82 13.47
C GLU A 520 16.31 4.51 12.62
N LEU A 521 16.81 5.52 11.94
CA LEU A 521 18.01 5.37 11.11
C LEU A 521 17.85 4.20 10.14
N PHE A 522 16.66 4.11 9.54
CA PHE A 522 16.34 3.04 8.63
C PHE A 522 16.95 3.16 7.24
N LEU A 523 17.37 4.37 6.85
CA LEU A 523 17.92 4.57 5.51
C LEU A 523 19.15 5.49 5.51
N PHE A 524 20.13 5.16 4.68
CA PHE A 524 21.36 5.93 4.58
C PHE A 524 21.59 6.39 3.15
N TRP A 525 21.91 7.67 2.97
CA TRP A 525 22.17 8.21 1.64
C TRP A 525 23.65 8.53 1.41
N ASN A 526 24.12 8.22 0.22
CA ASN A 526 25.49 8.48 -0.22
C ASN A 526 25.23 9.43 -1.36
N LEU A 527 25.38 10.74 -1.16
CA LEU A 527 25.03 11.64 -2.24
C LEU A 527 25.85 12.82 -2.70
N TYR A 528 26.89 13.22 -1.98
CA TYR A 528 27.56 14.43 -2.44
C TYR A 528 28.99 14.25 -2.94
N LYS A 529 29.64 15.36 -3.30
CA LYS A 529 31.03 15.35 -3.79
C LYS A 529 31.96 14.77 -2.72
N ALA A 530 31.74 15.21 -1.48
CA ALA A 530 32.52 14.77 -0.33
C ALA A 530 32.03 13.40 0.17
N PRO A 531 32.89 12.67 0.92
CA PRO A 531 32.45 11.41 1.54
C PRO A 531 31.48 11.66 2.70
N ILE A 532 30.19 11.71 2.38
CA ILE A 532 29.17 11.96 3.37
C ILE A 532 28.06 10.91 3.32
N LEU A 533 27.58 10.53 4.50
CA LEU A 533 26.47 9.60 4.62
C LEU A 533 25.38 10.35 5.39
N LEU A 534 24.15 10.28 4.89
CA LEU A 534 23.04 10.95 5.49
C LEU A 534 22.07 9.90 6.01
N ALA A 535 21.78 9.92 7.30
CA ALA A 535 20.88 8.93 7.90
C ALA A 535 19.48 9.51 8.15
N LEU A 536 18.45 8.74 7.88
CA LEU A 536 17.08 9.23 8.08
C LEU A 536 16.39 8.70 9.33
N VAL A 537 15.58 9.56 9.95
CA VAL A 537 14.82 9.16 11.13
C VAL A 537 13.37 9.44 10.78
N ALA A 538 12.57 8.39 10.70
CA ALA A 538 11.17 8.57 10.31
C ALA A 538 10.12 8.01 11.27
N GLY A 539 8.86 8.33 11.00
CA GLY A 539 7.72 7.85 11.79
C GLY A 539 7.79 8.21 13.25
N GLU A 540 7.36 7.28 14.10
CA GLU A 540 7.36 7.50 15.55
C GLU A 540 8.74 7.82 16.10
N ALA A 541 9.77 7.34 15.43
CA ALA A 541 11.14 7.60 15.86
C ALA A 541 11.52 9.08 15.72
N ALA A 542 11.00 9.77 14.70
CA ALA A 542 11.35 11.17 14.50
C ALA A 542 11.18 12.02 15.75
N GLY A 543 9.98 11.95 16.33
CA GLY A 543 9.64 12.70 17.52
C GLY A 543 10.44 12.37 18.74
N ILE A 544 10.64 11.07 18.94
CA ILE A 544 11.38 10.59 20.08
C ILE A 544 12.86 10.94 19.99
N MET A 545 13.49 10.71 18.83
CA MET A 545 14.93 10.99 18.69
C MET A 545 15.28 12.45 18.96
N GLU A 546 14.32 13.34 18.82
CA GLU A 546 14.60 14.74 19.07
C GLU A 546 15.06 14.98 20.51
N ASN A 547 14.63 14.11 21.42
CA ASN A 547 15.01 14.17 22.82
C ASN A 547 16.30 13.45 23.16
N ILE A 548 17.00 12.96 22.15
CA ILE A 548 18.24 12.26 22.34
C ILE A 548 19.38 13.14 21.84
N SER A 549 20.45 13.22 22.62
CA SER A 549 21.62 14.01 22.28
C SER A 549 22.27 13.53 20.98
N ASP A 550 22.98 14.43 20.30
CA ASP A 550 23.67 14.12 19.04
C ASP A 550 24.61 12.92 19.20
N ASP A 551 25.43 12.93 20.25
CA ASP A 551 26.39 11.85 20.50
C ASP A 551 25.77 10.45 20.55
N VAL A 552 24.64 10.34 21.22
CA VAL A 552 23.97 9.06 21.31
C VAL A 552 23.39 8.70 19.94
N ILE A 553 22.91 9.70 19.20
CA ILE A 553 22.36 9.44 17.87
C ILE A 553 23.46 8.97 16.91
N VAL A 554 24.55 9.74 16.88
CA VAL A 554 25.69 9.43 16.04
C VAL A 554 26.26 8.05 16.41
N GLY A 555 26.28 7.75 17.71
CA GLY A 555 26.78 6.46 18.21
C GLY A 555 26.00 5.32 17.60
N ARG A 556 24.68 5.46 17.60
CA ARG A 556 23.80 4.45 17.03
C ARG A 556 24.08 4.26 15.54
N CYS A 557 24.26 5.39 14.81
CA CYS A 557 24.57 5.38 13.38
C CYS A 557 25.84 4.59 13.10
N LEU A 558 26.89 4.92 13.85
CA LEU A 558 28.18 4.27 13.70
C LEU A 558 28.03 2.78 14.01
N ALA A 559 27.28 2.46 15.06
CA ALA A 559 27.07 1.07 15.44
C ALA A 559 26.46 0.32 14.27
N ILE A 560 25.43 0.90 13.64
CA ILE A 560 24.76 0.27 12.50
C ILE A 560 25.75 0.02 11.37
N LEU A 561 26.46 1.08 10.96
CA LEU A 561 27.43 0.99 9.88
C LEU A 561 28.55 -0.02 10.15
N LYS A 562 29.07 -0.04 11.38
CA LYS A 562 30.12 -0.98 11.75
C LYS A 562 29.60 -2.40 11.53
N GLY A 563 28.35 -2.61 11.91
CA GLY A 563 27.69 -3.91 11.76
C GLY A 563 27.60 -4.32 10.30
N ILE A 564 27.49 -3.36 9.39
CA ILE A 564 27.39 -3.66 7.97
C ILE A 564 28.76 -3.82 7.27
N PHE A 565 29.58 -2.78 7.35
CA PHE A 565 30.88 -2.74 6.67
C PHE A 565 32.09 -3.29 7.43
N GLY A 566 31.90 -3.61 8.71
CA GLY A 566 32.99 -4.13 9.53
C GLY A 566 33.44 -3.07 10.52
N SER A 567 33.76 -3.51 11.74
CA SER A 567 34.20 -2.63 12.83
C SER A 567 35.39 -1.71 12.53
N SER A 568 36.46 -2.29 11.95
CA SER A 568 37.66 -1.53 11.62
C SER A 568 37.51 -0.57 10.44
N ALA A 569 36.56 -0.85 9.55
CA ALA A 569 36.33 -0.01 8.36
C ALA A 569 35.74 1.37 8.61
N VAL A 570 34.90 1.50 9.64
CA VAL A 570 34.20 2.77 9.96
C VAL A 570 34.85 3.72 10.97
N PRO A 571 35.42 4.83 10.48
CA PRO A 571 36.14 5.76 11.34
C PRO A 571 35.20 6.71 12.02
N GLN A 572 35.71 7.51 12.94
CA GLN A 572 34.89 8.50 13.62
C GLN A 572 34.61 9.59 12.61
N PRO A 573 33.38 10.12 12.62
CA PRO A 573 33.07 11.20 11.68
C PRO A 573 33.82 12.48 12.04
N LYS A 574 34.20 13.24 11.02
CA LYS A 574 34.92 14.50 11.21
C LYS A 574 33.95 15.61 11.60
N GLU A 575 32.73 15.54 11.08
CA GLU A 575 31.66 16.52 11.37
C GLU A 575 30.30 15.83 11.35
N THR A 576 29.45 16.17 12.31
CA THR A 576 28.08 15.62 12.36
C THR A 576 27.05 16.68 12.68
N VAL A 577 25.92 16.63 11.96
CA VAL A 577 24.82 17.54 12.16
C VAL A 577 23.57 16.70 12.29
N VAL A 578 22.71 17.07 13.25
CA VAL A 578 21.45 16.36 13.47
C VAL A 578 20.32 17.37 13.42
N SER A 579 19.34 17.16 12.55
CA SER A 579 18.22 18.11 12.48
C SER A 579 17.18 17.75 13.52
N ARG A 580 16.40 18.77 13.92
CA ARG A 580 15.31 18.62 14.88
C ARG A 580 14.18 19.54 14.42
N TRP A 581 13.50 19.17 13.33
CA TRP A 581 12.45 20.00 12.78
C TRP A 581 11.28 20.31 13.71
N ARG A 582 10.87 19.34 14.53
CA ARG A 582 9.75 19.60 15.44
C ARG A 582 10.08 20.69 16.47
N ALA A 583 11.29 20.66 17.02
CA ALA A 583 11.71 21.65 18.01
C ALA A 583 12.01 23.02 17.42
N ASP A 584 12.20 23.08 16.11
CA ASP A 584 12.52 24.33 15.46
C ASP A 584 11.30 25.27 15.58
N PRO A 585 11.45 26.39 16.31
CA PRO A 585 10.31 27.27 16.54
C PRO A 585 9.78 27.93 15.27
N TRP A 586 10.58 27.93 14.21
CA TRP A 586 10.16 28.56 12.96
C TRP A 586 9.57 27.55 11.98
N ALA A 587 9.54 26.28 12.37
CA ALA A 587 8.95 25.26 11.50
C ALA A 587 7.93 24.43 12.27
N ARG A 588 8.37 23.87 13.41
CA ARG A 588 7.52 23.03 14.26
C ARG A 588 7.08 21.75 13.56
N GLY A 589 7.95 21.24 12.69
CA GLY A 589 7.67 20.02 11.96
C GLY A 589 8.33 20.11 10.61
N SER A 590 8.12 19.11 9.76
CA SER A 590 8.76 19.14 8.47
C SER A 590 7.83 19.55 7.34
N TYR A 591 6.70 18.86 7.21
CA TYR A 591 5.70 19.17 6.19
C TYR A 591 4.33 18.58 6.47
N SER A 592 3.30 19.12 5.81
CA SER A 592 1.94 18.66 6.04
C SER A 592 1.67 17.28 5.49
N TYR A 593 0.58 16.67 5.95
CA TYR A 593 0.13 15.36 5.50
C TYR A 593 -1.37 15.34 5.64
N VAL A 594 -2.05 14.47 4.90
CA VAL A 594 -3.49 14.42 4.99
C VAL A 594 -3.84 13.51 6.14
N ALA A 595 -4.14 14.15 7.26
CA ALA A 595 -4.50 13.42 8.47
C ALA A 595 -5.87 12.79 8.37
N ALA A 596 -6.06 11.73 9.15
CA ALA A 596 -7.35 11.05 9.21
C ALA A 596 -8.30 12.11 9.77
N GLY A 597 -9.40 12.35 9.08
CA GLY A 597 -10.38 13.35 9.51
C GLY A 597 -10.25 14.61 8.68
N SER A 598 -9.23 14.66 7.84
CA SER A 598 -8.99 15.79 6.98
C SER A 598 -9.26 15.33 5.54
N SER A 599 -8.92 16.18 4.57
CA SER A 599 -9.11 15.89 3.16
C SER A 599 -8.46 17.00 2.35
N GLY A 600 -8.37 16.83 1.04
CA GLY A 600 -7.77 17.86 0.20
C GLY A 600 -8.52 19.18 0.29
N ASN A 601 -9.78 19.15 0.71
CA ASN A 601 -10.52 20.40 0.82
C ASN A 601 -9.93 21.37 1.83
N ASP A 602 -9.27 20.84 2.87
CA ASP A 602 -8.63 21.67 3.89
C ASP A 602 -7.48 22.49 3.31
N TYR A 603 -6.83 21.97 2.27
CA TYR A 603 -5.75 22.71 1.63
C TYR A 603 -6.35 23.94 0.93
N ASP A 604 -7.56 23.78 0.39
CA ASP A 604 -8.26 24.88 -0.26
C ASP A 604 -8.63 25.92 0.79
N LEU A 605 -9.13 25.46 1.92
CA LEU A 605 -9.49 26.37 2.99
C LEU A 605 -8.24 27.11 3.45
N MET A 606 -7.11 26.43 3.56
CA MET A 606 -5.88 27.13 3.98
C MET A 606 -5.55 28.25 3.01
N ALA A 607 -5.85 28.04 1.74
CA ALA A 607 -5.58 29.03 0.71
C ALA A 607 -6.50 30.26 0.64
N GLN A 608 -7.72 30.19 1.14
CA GLN A 608 -8.62 31.34 1.06
C GLN A 608 -8.22 32.60 1.84
N PRO A 609 -8.10 33.72 1.15
CA PRO A 609 -7.76 34.98 1.81
C PRO A 609 -8.84 35.38 2.80
N ILE A 610 -8.50 36.22 3.77
CA ILE A 610 -9.41 36.71 4.78
C ILE A 610 -9.77 38.17 4.46
N THR A 611 -11.04 38.51 4.62
CA THR A 611 -11.54 39.85 4.37
C THR A 611 -12.05 40.40 5.69
N PRO A 612 -11.44 41.48 6.21
CA PRO A 612 -11.88 42.04 7.49
C PRO A 612 -13.25 42.67 7.36
N GLY A 613 -13.95 42.86 8.47
CA GLY A 613 -15.26 43.49 8.45
C GLY A 613 -15.06 45.00 8.30
N PRO A 614 -16.15 45.76 8.06
CA PRO A 614 -15.95 47.21 7.94
C PRO A 614 -15.60 47.85 9.26
N SER A 615 -14.94 49.01 9.21
CA SER A 615 -14.57 49.75 10.42
C SER A 615 -15.81 50.53 10.85
N ILE A 616 -16.51 51.06 9.87
CA ILE A 616 -17.71 51.83 10.12
C ILE A 616 -18.94 50.97 9.84
N PRO A 617 -19.85 50.86 10.83
CA PRO A 617 -21.19 50.29 10.60
C PRO A 617 -21.84 50.82 9.32
N GLY A 618 -22.29 49.90 8.46
CA GLY A 618 -22.94 50.25 7.20
C GLY A 618 -22.03 50.58 6.03
N ALA A 619 -20.73 50.44 6.22
CA ALA A 619 -19.79 50.73 5.16
C ALA A 619 -19.61 49.48 4.30
N PRO A 620 -19.48 49.66 2.97
CA PRO A 620 -19.38 48.57 2.05
C PRO A 620 -18.28 47.56 2.36
N GLN A 621 -18.54 46.33 1.90
CA GLN A 621 -17.69 45.16 2.04
C GLN A 621 -16.20 45.37 1.59
N PRO A 622 -15.28 45.34 2.55
CA PRO A 622 -13.89 45.54 2.13
C PRO A 622 -13.29 44.56 1.10
N ILE A 623 -12.05 44.89 0.77
CA ILE A 623 -11.11 44.25 -0.09
C ILE A 623 -10.56 43.12 0.80
N PRO A 624 -10.09 42.00 0.23
CA PRO A 624 -9.38 41.04 1.08
C PRO A 624 -8.04 41.61 1.50
N ARG A 625 -7.61 41.33 2.72
CA ARG A 625 -6.35 41.87 3.21
C ARG A 625 -5.28 40.88 3.62
N LEU A 626 -5.69 39.69 4.06
CA LEU A 626 -4.76 38.67 4.55
C LEU A 626 -4.76 37.46 3.64
N PHE A 627 -3.60 37.15 3.07
CA PHE A 627 -3.48 36.07 2.12
C PHE A 627 -2.58 34.97 2.65
N PHE A 628 -2.71 33.77 2.10
CA PHE A 628 -1.90 32.65 2.56
C PHE A 628 -1.25 31.86 1.45
N ALA A 629 0.01 31.54 1.67
CA ALA A 629 0.75 30.75 0.72
C ALA A 629 1.53 29.77 1.57
N GLY A 630 2.21 28.86 0.90
CA GLY A 630 2.96 27.85 1.58
C GLY A 630 2.48 26.49 1.14
N GLU A 631 3.35 25.54 1.37
CA GLU A 631 3.22 24.15 1.07
C GLU A 631 1.91 23.56 1.55
N HIS A 632 1.41 24.06 2.65
CA HIS A 632 0.17 23.55 3.21
C HIS A 632 -1.09 24.20 2.58
N THR A 633 -0.91 25.01 1.53
CA THR A 633 -2.03 25.71 0.90
C THR A 633 -2.29 25.32 -0.56
N ILE A 634 -1.62 24.28 -1.03
CA ILE A 634 -1.77 23.84 -2.40
C ILE A 634 -2.15 22.35 -2.46
N ARG A 635 -3.43 22.14 -2.69
CA ARG A 635 -4.06 20.84 -2.74
C ARG A 635 -3.38 19.79 -3.63
N ASN A 636 -2.94 20.20 -4.83
CA ASN A 636 -2.33 19.21 -5.73
C ASN A 636 -0.86 18.87 -5.52
N TYR A 637 -0.12 19.73 -4.85
CA TYR A 637 1.31 19.53 -4.65
C TYR A 637 1.79 19.88 -3.25
N PRO A 638 1.09 19.40 -2.22
CA PRO A 638 1.47 19.83 -0.88
C PRO A 638 2.77 19.18 -0.46
N ALA A 639 3.36 19.71 0.62
CA ALA A 639 4.57 19.15 1.21
C ALA A 639 5.77 19.05 0.29
N THR A 640 5.94 20.00 -0.63
CA THR A 640 7.08 19.95 -1.53
C THR A 640 7.61 21.34 -1.83
N VAL A 641 8.75 21.41 -2.51
CA VAL A 641 9.30 22.70 -2.88
C VAL A 641 8.51 23.30 -4.01
N HIS A 642 8.22 22.50 -5.05
CA HIS A 642 7.44 23.01 -6.18
C HIS A 642 6.06 23.50 -5.74
N GLY A 643 5.48 22.81 -4.75
CA GLY A 643 4.18 23.18 -4.21
C GLY A 643 4.28 24.55 -3.57
N ALA A 644 5.33 24.78 -2.78
CA ALA A 644 5.48 26.06 -2.15
C ALA A 644 5.66 27.13 -3.21
N LEU A 645 6.52 26.87 -4.20
CA LEU A 645 6.78 27.81 -5.28
C LEU A 645 5.49 28.16 -5.99
N LEU A 646 4.71 27.13 -6.35
CA LEU A 646 3.45 27.38 -7.03
C LEU A 646 2.48 28.18 -6.16
N SER A 647 2.44 27.91 -4.85
CA SER A 647 1.52 28.66 -3.98
C SER A 647 1.86 30.14 -3.98
N GLY A 648 3.16 30.47 -4.01
CA GLY A 648 3.57 31.88 -4.02
C GLY A 648 3.15 32.55 -5.33
N LEU A 649 3.34 31.83 -6.44
CA LEU A 649 2.98 32.36 -7.75
C LEU A 649 1.48 32.64 -7.77
N ARG A 650 0.69 31.75 -7.17
CA ARG A 650 -0.75 31.90 -7.11
C ARG A 650 -1.14 33.14 -6.32
N GLU A 651 -0.68 33.28 -5.09
CA GLU A 651 -1.05 34.44 -4.32
C GLU A 651 -0.55 35.76 -4.93
N ALA A 652 0.62 35.75 -5.56
CA ALA A 652 1.09 36.99 -6.18
C ALA A 652 0.09 37.41 -7.23
N GLY A 653 -0.40 36.47 -8.03
CA GLY A 653 -1.40 36.79 -9.04
C GLY A 653 -2.71 37.29 -8.46
N ARG A 654 -3.13 36.68 -7.35
CA ARG A 654 -4.39 37.09 -6.76
C ARG A 654 -4.29 38.49 -6.12
N ILE A 655 -3.15 38.75 -5.47
CA ILE A 655 -2.93 40.06 -4.85
C ILE A 655 -2.86 41.12 -5.94
N ALA A 656 -2.06 40.89 -6.96
CA ALA A 656 -1.95 41.85 -8.04
C ALA A 656 -3.30 42.12 -8.71
N ASP A 657 -4.12 41.07 -8.84
CA ASP A 657 -5.45 41.23 -9.46
C ASP A 657 -6.33 42.11 -8.59
N GLN A 658 -6.22 41.91 -7.28
CA GLN A 658 -6.99 42.66 -6.33
C GLN A 658 -6.60 44.12 -6.26
N PHE A 659 -5.31 44.40 -6.15
CA PHE A 659 -4.81 45.76 -6.00
C PHE A 659 -4.32 46.52 -7.22
N LEU A 660 -4.02 45.84 -8.32
CA LEU A 660 -3.56 46.53 -9.52
C LEU A 660 -4.63 46.48 -10.61
N GLY A 661 -5.58 45.56 -10.44
CA GLY A 661 -6.65 45.36 -11.39
C GLY A 661 -6.17 44.44 -12.49
N ALA A 662 -7.13 43.86 -13.21
CA ALA A 662 -6.85 42.95 -14.30
C ALA A 662 -7.36 43.55 -15.60
N MET A 663 -6.50 43.65 -16.61
CA MET A 663 -6.96 44.22 -17.89
C MET A 663 -7.23 43.14 -18.94
N TYR A 664 -6.83 41.91 -18.61
CA TYR A 664 -6.99 40.71 -19.47
C TYR A 664 -8.34 39.97 -19.30
N THR A 665 -9.04 40.27 -18.22
CA THR A 665 -10.34 39.66 -17.90
C THR A 665 -11.52 40.28 -18.67
N LEU A 666 -11.38 41.55 -19.09
CA LEU A 666 -12.43 42.25 -19.85
C LEU A 666 -12.61 41.68 -21.27
N ARG B 61 -12.82 -3.51 -8.00
CA ARG B 61 -13.89 -4.54 -7.82
C ARG B 61 -13.44 -5.72 -6.97
N LYS B 62 -12.15 -6.08 -7.05
CA LYS B 62 -11.63 -7.23 -6.29
C LYS B 62 -10.34 -6.96 -5.50
N PRO B 63 -10.15 -7.70 -4.38
CA PRO B 63 -8.87 -7.68 -3.67
C PRO B 63 -7.77 -8.20 -4.59
N PRO B 64 -6.51 -7.90 -4.27
CA PRO B 64 -5.43 -8.57 -5.02
C PRO B 64 -5.56 -10.09 -4.93
N LYS B 65 -5.11 -10.79 -5.95
CA LYS B 65 -5.19 -12.26 -5.99
C LYS B 65 -4.46 -12.88 -4.81
N GLY B 66 -5.16 -13.74 -4.08
CA GLY B 66 -4.55 -14.38 -2.92
C GLY B 66 -4.82 -13.68 -1.61
N MET B 67 -5.26 -12.42 -1.68
CA MET B 67 -5.59 -11.62 -0.50
C MET B 67 -7.06 -11.87 -0.18
N PHE B 68 -7.37 -12.07 1.10
CA PHE B 68 -8.75 -12.35 1.48
C PHE B 68 -9.31 -11.29 2.42
N LEU B 69 -10.43 -10.69 2.01
CA LEU B 69 -11.07 -9.62 2.78
C LEU B 69 -12.56 -9.57 2.57
N SER B 70 -13.32 -10.14 3.49
CA SER B 70 -14.76 -10.10 3.37
C SER B 70 -15.34 -9.10 4.34
N GLN B 71 -16.51 -8.55 3.99
CA GLN B 71 -17.18 -7.60 4.86
C GLN B 71 -17.32 -8.27 6.24
N GLU B 72 -17.84 -9.50 6.21
CA GLU B 72 -18.05 -10.32 7.39
C GLU B 72 -16.82 -10.47 8.30
N ASP B 73 -15.66 -10.70 7.70
CA ASP B 73 -14.42 -10.86 8.47
C ASP B 73 -13.88 -9.57 9.06
N VAL B 74 -13.99 -8.48 8.31
CA VAL B 74 -13.51 -7.17 8.76
C VAL B 74 -14.27 -6.79 10.02
N GLU B 75 -15.60 -6.96 9.99
CA GLU B 75 -16.45 -6.63 11.12
C GLU B 75 -16.02 -7.41 12.36
N ALA B 76 -15.72 -8.69 12.17
CA ALA B 76 -15.29 -9.57 13.27
C ALA B 76 -13.96 -9.14 13.89
N VAL B 77 -12.99 -8.80 13.06
CA VAL B 77 -11.68 -8.39 13.54
C VAL B 77 -11.66 -6.98 14.16
N SER B 78 -12.62 -6.15 13.81
CA SER B 78 -12.68 -4.78 14.32
C SER B 78 -13.83 -4.50 15.32
N ALA B 79 -14.51 -5.56 15.77
CA ALA B 79 -15.63 -5.44 16.72
C ALA B 79 -15.23 -4.75 18.03
N ASN B 80 -13.98 -4.97 18.44
CA ASN B 80 -13.41 -4.37 19.65
C ASN B 80 -11.88 -4.35 19.58
N ALA B 81 -11.26 -3.74 20.59
CA ALA B 81 -9.80 -3.59 20.65
C ALA B 81 -9.00 -4.90 20.58
N THR B 82 -9.56 -6.00 21.10
CA THR B 82 -8.89 -7.29 21.11
C THR B 82 -9.70 -8.37 20.37
N ALA B 83 -10.55 -7.95 19.44
CA ALA B 83 -11.38 -8.89 18.68
C ALA B 83 -10.52 -9.79 17.81
N ALA B 84 -9.48 -9.21 17.18
CA ALA B 84 -8.57 -9.96 16.33
C ALA B 84 -7.87 -11.08 17.10
N THR B 85 -7.26 -10.74 18.23
CA THR B 85 -6.55 -11.69 19.07
C THR B 85 -7.47 -12.85 19.44
N THR B 86 -8.73 -12.54 19.76
CA THR B 86 -9.72 -13.54 20.11
C THR B 86 -9.99 -14.46 18.91
N VAL B 87 -10.21 -13.88 17.74
CA VAL B 87 -10.48 -14.66 16.54
C VAL B 87 -9.35 -15.62 16.24
N LEU B 88 -8.12 -15.10 16.25
CA LEU B 88 -6.92 -15.91 15.97
C LEU B 88 -6.61 -17.01 17.00
N ARG B 89 -6.93 -16.76 18.27
CA ARG B 89 -6.69 -17.75 19.33
C ARG B 89 -7.72 -18.85 19.21
N GLN B 90 -8.98 -18.47 18.97
CA GLN B 90 -10.04 -19.46 18.83
C GLN B 90 -9.76 -20.40 17.64
N LEU B 91 -8.97 -19.92 16.69
CA LEU B 91 -8.58 -20.72 15.54
C LEU B 91 -7.37 -21.57 15.88
N ASP B 92 -6.48 -21.06 16.72
CA ASP B 92 -5.29 -21.79 17.13
C ASP B 92 -5.76 -23.01 17.92
N MET B 93 -6.80 -22.81 18.72
CA MET B 93 -7.39 -23.86 19.53
C MET B 93 -8.14 -24.90 18.70
N GLU B 94 -8.86 -24.46 17.68
CA GLU B 94 -9.60 -25.40 16.82
C GLU B 94 -8.57 -26.31 16.16
N LEU B 95 -7.42 -25.73 15.82
CA LEU B 95 -6.31 -26.44 15.18
C LEU B 95 -5.73 -27.55 16.05
N VAL B 96 -5.48 -27.24 17.32
CA VAL B 96 -4.93 -28.20 18.27
C VAL B 96 -5.95 -29.32 18.48
N SER B 97 -7.21 -28.91 18.57
CA SER B 97 -8.36 -29.79 18.75
C SER B 97 -8.49 -30.79 17.61
N VAL B 98 -8.16 -30.37 16.40
CA VAL B 98 -8.24 -31.22 15.23
C VAL B 98 -6.99 -32.12 15.13
N LYS B 99 -5.84 -31.60 15.53
CA LYS B 99 -4.60 -32.36 15.47
C LYS B 99 -4.61 -33.53 16.45
N ARG B 100 -5.08 -33.30 17.67
CA ARG B 100 -5.13 -34.39 18.65
C ARG B 100 -6.18 -35.44 18.21
N GLN B 101 -7.20 -34.96 17.49
CA GLN B 101 -8.25 -35.82 16.96
C GLN B 101 -7.62 -36.72 15.90
N ILE B 102 -6.61 -36.20 15.20
CA ILE B 102 -5.92 -36.97 14.16
C ILE B 102 -5.07 -38.07 14.78
N GLN B 103 -4.23 -37.71 15.76
CA GLN B 103 -3.35 -38.66 16.42
C GLN B 103 -4.15 -39.81 17.04
N ASN B 104 -5.32 -39.46 17.55
CA ASN B 104 -6.23 -40.41 18.17
C ASN B 104 -6.70 -41.46 17.19
N ILE B 105 -7.18 -41.01 16.04
CA ILE B 105 -7.66 -41.92 15.00
C ILE B 105 -6.52 -42.72 14.41
N LYS B 106 -5.36 -42.09 14.24
CA LYS B 106 -4.16 -42.73 13.72
C LYS B 106 -3.81 -43.93 14.59
N GLN B 107 -3.87 -43.71 15.90
CA GLN B 107 -3.59 -44.71 16.92
C GLN B 107 -4.57 -45.90 16.85
N THR B 108 -5.84 -45.59 16.62
CA THR B 108 -6.91 -46.57 16.49
C THR B 108 -6.75 -47.37 15.20
N ASN B 109 -6.46 -46.66 14.10
CA ASN B 109 -6.27 -47.32 12.81
C ASN B 109 -5.06 -48.26 12.84
N SER B 110 -4.03 -47.85 13.56
CA SER B 110 -2.81 -48.63 13.70
C SER B 110 -3.10 -49.98 14.36
N ALA B 111 -4.00 -49.96 15.34
CA ALA B 111 -4.41 -51.16 16.05
C ALA B 111 -5.23 -52.04 15.12
N LEU B 112 -6.19 -51.45 14.39
CA LEU B 112 -7.02 -52.23 13.47
C LEU B 112 -6.19 -52.90 12.38
N LYS B 113 -5.14 -52.22 11.92
CA LYS B 113 -4.25 -52.77 10.90
C LYS B 113 -3.48 -53.98 11.46
N GLU B 114 -3.13 -53.89 12.74
CA GLU B 114 -2.40 -54.96 13.43
C GLU B 114 -3.23 -56.23 13.55
N LYS B 115 -4.55 -56.09 13.48
CA LYS B 115 -5.46 -57.24 13.53
C LYS B 115 -5.59 -57.89 12.17
N LEU B 116 -5.35 -57.13 11.11
CA LEU B 116 -5.45 -57.69 9.77
C LEU B 116 -4.11 -58.24 9.30
N ASP B 117 -3.13 -58.26 10.21
CA ASP B 117 -1.80 -58.78 9.89
C ASP B 117 -1.92 -60.23 9.40
N GLY B 118 -1.48 -60.46 8.17
CA GLY B 118 -1.53 -61.77 7.55
C GLY B 118 -2.64 -61.81 6.52
N GLY B 119 -3.49 -60.80 6.52
CA GLY B 119 -4.62 -60.71 5.60
C GLY B 119 -5.51 -61.93 5.73
N ILE B 120 -6.01 -62.40 4.59
CA ILE B 120 -6.88 -63.58 4.57
C ILE B 120 -6.22 -64.73 3.80
N GLU B 121 -4.90 -64.76 3.79
CA GLU B 121 -4.14 -65.80 3.07
C GLU B 121 -4.39 -67.24 3.52
N PRO B 122 -4.36 -67.49 4.85
CA PRO B 122 -4.53 -68.88 5.28
C PRO B 122 -5.96 -69.39 5.10
N TYR B 123 -6.87 -68.48 4.77
CA TYR B 123 -8.27 -68.82 4.58
C TYR B 123 -8.75 -68.92 3.13
N ARG B 124 -7.82 -68.81 2.19
CA ARG B 124 -8.21 -68.89 0.79
C ARG B 124 -8.21 -70.33 0.30
N LEU B 125 -9.19 -70.64 -0.55
CA LEU B 125 -9.33 -71.98 -1.13
C LEU B 125 -9.02 -71.97 -2.61
N PRO B 126 -8.25 -72.97 -3.08
CA PRO B 126 -8.05 -73.20 -4.51
C PRO B 126 -9.36 -73.12 -5.30
N GLU B 127 -9.25 -72.82 -6.59
CA GLU B 127 -10.44 -72.71 -7.44
C GLU B 127 -10.80 -74.04 -8.11
N VAL B 128 -12.09 -74.37 -8.10
CA VAL B 128 -12.60 -75.62 -8.70
C VAL B 128 -12.90 -75.36 -10.19
N ILE B 129 -11.84 -75.35 -10.99
CA ILE B 129 -11.93 -75.11 -12.44
C ILE B 129 -12.48 -76.32 -13.20
N GLN B 130 -13.72 -76.23 -13.66
CA GLN B 130 -14.34 -77.31 -14.42
C GLN B 130 -15.23 -76.79 -15.55
N LYS B 131 -15.12 -77.41 -16.72
CA LYS B 131 -15.90 -77.01 -17.88
C LYS B 131 -17.40 -77.14 -17.64
N CYS B 132 -18.16 -76.31 -18.33
CA CYS B 132 -19.61 -76.29 -18.22
C CYS B 132 -20.26 -77.41 -19.06
N ASN B 133 -21.12 -78.20 -18.43
CA ASN B 133 -21.81 -79.32 -19.11
C ASN B 133 -23.28 -79.02 -19.47
N ALA B 134 -23.77 -79.70 -20.50
CA ALA B 134 -25.14 -79.52 -20.98
C ALA B 134 -26.21 -80.30 -20.22
N ARG B 135 -25.94 -81.57 -19.93
CA ARG B 135 -26.90 -82.43 -19.22
C ARG B 135 -26.92 -82.27 -17.71
N TRP B 136 -28.10 -82.53 -17.13
CA TRP B 136 -28.31 -82.43 -15.69
C TRP B 136 -28.31 -83.81 -15.05
N THR B 137 -27.33 -84.09 -14.20
CA THR B 137 -27.27 -85.36 -13.52
C THR B 137 -28.07 -85.17 -12.24
N THR B 138 -28.59 -86.26 -11.70
CA THR B 138 -29.36 -86.25 -10.48
C THR B 138 -28.66 -85.45 -9.37
N GLU B 139 -27.35 -85.63 -9.27
CA GLU B 139 -26.55 -84.94 -8.27
C GLU B 139 -26.74 -83.43 -8.41
N GLU B 140 -26.59 -82.94 -9.64
CA GLU B 140 -26.72 -81.52 -9.95
C GLU B 140 -28.10 -80.94 -9.64
N GLN B 141 -29.15 -81.69 -10.00
CA GLN B 141 -30.52 -81.23 -9.73
C GLN B 141 -30.70 -80.98 -8.25
N LEU B 142 -30.35 -81.99 -7.45
CA LEU B 142 -30.42 -81.93 -5.97
C LEU B 142 -29.59 -80.81 -5.40
N LEU B 143 -28.46 -80.51 -6.03
CA LEU B 143 -27.65 -79.41 -5.55
C LEU B 143 -28.43 -78.12 -5.81
N ALA B 144 -28.99 -78.02 -7.02
CA ALA B 144 -29.76 -76.86 -7.43
C ALA B 144 -30.92 -76.60 -6.49
N VAL B 145 -31.74 -77.62 -6.28
CA VAL B 145 -32.88 -77.49 -5.39
C VAL B 145 -32.45 -76.91 -4.04
N GLN B 146 -31.36 -77.40 -3.49
CA GLN B 146 -30.89 -76.88 -2.20
C GLN B 146 -30.35 -75.48 -2.34
N ALA B 147 -29.72 -75.21 -3.48
CA ALA B 147 -29.14 -73.90 -3.74
C ALA B 147 -30.25 -72.85 -3.80
N ILE B 148 -31.35 -73.23 -4.43
CA ILE B 148 -32.50 -72.36 -4.56
C ILE B 148 -33.08 -72.10 -3.18
N ARG B 149 -33.06 -73.13 -2.34
CA ARG B 149 -33.57 -73.01 -0.96
C ARG B 149 -32.76 -72.02 -0.12
N LYS B 150 -31.44 -71.99 -0.35
CA LYS B 150 -30.54 -71.12 0.41
C LYS B 150 -30.36 -69.72 -0.18
N TYR B 151 -30.25 -69.64 -1.51
CA TYR B 151 -30.02 -68.36 -2.19
C TYR B 151 -31.23 -67.63 -2.78
N GLY B 152 -32.15 -68.38 -3.36
CA GLY B 152 -33.35 -67.80 -3.95
C GLY B 152 -33.16 -67.57 -5.43
N ARG B 153 -33.24 -66.31 -5.86
CA ARG B 153 -33.08 -65.96 -7.28
C ARG B 153 -31.67 -65.49 -7.63
N ASP B 154 -30.70 -65.74 -6.74
CA ASP B 154 -29.30 -65.38 -6.96
C ASP B 154 -28.72 -66.47 -7.86
N PHE B 155 -29.05 -66.40 -9.15
CA PHE B 155 -28.60 -67.37 -10.14
C PHE B 155 -27.09 -67.55 -10.18
N GLN B 156 -26.35 -66.46 -9.94
CA GLN B 156 -24.89 -66.53 -9.95
C GLN B 156 -24.38 -67.49 -8.88
N ALA B 157 -24.95 -67.37 -7.68
CA ALA B 157 -24.59 -68.21 -6.54
C ALA B 157 -24.97 -69.66 -6.80
N ILE B 158 -26.17 -69.86 -7.33
CA ILE B 158 -26.66 -71.20 -7.63
C ILE B 158 -25.74 -71.84 -8.68
N SER B 159 -25.38 -71.07 -9.70
CA SER B 159 -24.48 -71.58 -10.72
C SER B 159 -23.14 -71.97 -10.10
N ASP B 160 -22.58 -71.07 -9.29
CA ASP B 160 -21.29 -71.30 -8.61
C ASP B 160 -21.29 -72.57 -7.78
N VAL B 161 -22.35 -72.76 -7.01
CA VAL B 161 -22.51 -73.92 -6.15
C VAL B 161 -22.53 -75.23 -6.95
N ILE B 162 -23.30 -75.26 -8.04
CA ILE B 162 -23.38 -76.46 -8.88
C ILE B 162 -22.05 -76.66 -9.63
N GLY B 163 -21.34 -75.57 -9.91
CA GLY B 163 -20.05 -75.63 -10.57
C GLY B 163 -19.97 -75.85 -12.07
N ASN B 164 -20.83 -76.70 -12.63
CA ASN B 164 -20.77 -76.98 -14.07
C ASN B 164 -22.01 -76.57 -14.87
N LYS B 165 -22.74 -75.58 -14.35
CA LYS B 165 -23.93 -75.08 -15.02
C LYS B 165 -23.88 -73.57 -15.03
N SER B 166 -23.89 -72.97 -16.22
CA SER B 166 -23.86 -71.52 -16.39
C SER B 166 -25.16 -70.88 -15.87
N VAL B 167 -25.14 -69.56 -15.79
CA VAL B 167 -26.28 -68.77 -15.32
C VAL B 167 -27.56 -69.05 -16.10
N VAL B 168 -27.46 -69.01 -17.42
CA VAL B 168 -28.62 -69.25 -18.28
C VAL B 168 -29.19 -70.66 -18.05
N GLN B 169 -28.31 -71.65 -18.05
CA GLN B 169 -28.71 -73.05 -17.82
C GLN B 169 -29.49 -73.17 -16.51
N VAL B 170 -29.10 -72.37 -15.52
CA VAL B 170 -29.78 -72.35 -14.22
C VAL B 170 -31.15 -71.70 -14.32
N LYS B 171 -31.21 -70.57 -15.04
CA LYS B 171 -32.45 -69.82 -15.25
C LYS B 171 -33.46 -70.73 -15.94
N ASN B 172 -32.98 -71.45 -16.95
CA ASN B 172 -33.80 -72.40 -17.68
C ASN B 172 -34.32 -73.50 -16.75
N PHE B 173 -33.42 -74.06 -15.95
CA PHE B 173 -33.78 -75.10 -14.99
C PHE B 173 -35.01 -74.68 -14.18
N PHE B 174 -35.01 -73.42 -13.76
CA PHE B 174 -36.11 -72.83 -12.99
C PHE B 174 -37.46 -73.04 -13.67
N VAL B 175 -37.49 -72.84 -14.98
CA VAL B 175 -38.74 -73.01 -15.75
C VAL B 175 -39.02 -74.50 -16.02
N ASN B 176 -38.06 -75.19 -16.63
CA ASN B 176 -38.21 -76.61 -16.95
C ASN B 176 -38.58 -77.56 -15.80
N TYR B 177 -38.04 -77.30 -14.61
CA TYR B 177 -38.34 -78.19 -13.50
C TYR B 177 -39.29 -77.58 -12.46
N ARG B 178 -39.87 -76.44 -12.81
CA ARG B 178 -40.82 -75.71 -11.96
C ARG B 178 -41.85 -76.57 -11.21
N ARG B 179 -42.56 -77.42 -11.95
CA ARG B 179 -43.58 -78.28 -11.34
C ARG B 179 -43.00 -79.46 -10.57
N ARG B 180 -42.06 -80.18 -11.20
CA ARG B 180 -41.45 -81.37 -10.61
C ARG B 180 -40.64 -81.16 -9.34
N PHE B 181 -40.00 -80.00 -9.21
CA PHE B 181 -39.23 -79.70 -8.01
C PHE B 181 -39.89 -78.68 -7.09
N ASN B 182 -41.20 -78.51 -7.24
CA ASN B 182 -41.96 -77.57 -6.42
C ASN B 182 -41.17 -76.29 -6.18
N ILE B 183 -40.60 -75.75 -7.25
CA ILE B 183 -39.78 -74.54 -7.19
C ILE B 183 -40.56 -73.33 -6.62
N ASP B 184 -41.87 -73.32 -6.81
CA ASP B 184 -42.71 -72.25 -6.28
C ASP B 184 -42.74 -72.31 -4.75
N GLU B 185 -42.85 -73.54 -4.22
CA GLU B 185 -42.88 -73.77 -2.78
C GLU B 185 -41.54 -73.42 -2.18
N VAL B 186 -40.47 -73.78 -2.87
CA VAL B 186 -39.12 -73.51 -2.39
C VAL B 186 -38.83 -72.01 -2.32
N LEU B 187 -39.15 -71.30 -3.40
CA LEU B 187 -38.93 -69.86 -3.43
C LEU B 187 -39.68 -69.14 -2.32
N GLN B 188 -40.95 -69.50 -2.12
CA GLN B 188 -41.75 -68.87 -1.04
C GLN B 188 -41.16 -69.21 0.33
N GLU B 189 -40.44 -70.33 0.40
CA GLU B 189 -39.78 -70.75 1.64
C GLU B 189 -38.50 -69.96 1.89
N TRP B 190 -37.84 -69.50 0.81
CA TRP B 190 -36.63 -68.68 0.96
C TRP B 190 -37.06 -67.33 1.48
N GLU B 191 -38.23 -66.88 1.01
CA GLU B 191 -38.82 -65.60 1.40
C GLU B 191 -39.21 -65.51 2.88
N ALA B 192 -39.44 -66.67 3.51
CA ALA B 192 -39.80 -66.72 4.93
C ALA B 192 -38.61 -66.40 5.84
N GLU B 193 -37.41 -66.36 5.28
CA GLU B 193 -36.19 -66.06 6.05
C GLU B 193 -35.51 -64.78 5.58
PA FAD C . 9.04 27.58 4.68
O1A FAD C . 8.99 26.92 6.03
O2A FAD C . 10.25 27.23 3.84
O5B FAD C . 8.87 29.19 4.81
C5B FAD C . 8.31 29.76 5.98
C4B FAD C . 9.29 30.80 6.53
O4B FAD C . 8.69 31.60 7.54
C3B FAD C . 10.52 30.17 7.14
O3B FAD C . 11.62 30.82 6.58
C2B FAD C . 10.44 30.50 8.61
O2B FAD C . 11.69 30.66 9.24
C1B FAD C . 9.65 31.79 8.56
N9A FAD C . 8.96 32.06 9.81
C8A FAD C . 8.42 31.15 10.68
N7A FAD C . 7.88 31.87 11.71
C5A FAD C . 8.09 33.20 11.48
C6A FAD C . 7.76 34.37 12.16
N6A FAD C . 7.17 34.37 13.35
N1A FAD C . 8.12 35.58 11.64
C2A FAD C . 8.79 35.68 10.43
N3A FAD C . 9.11 34.52 9.77
C4A FAD C . 8.78 33.31 10.29
N1 FAD C . 10.24 19.04 -0.67
C2 FAD C . 10.68 18.59 -1.89
O2 FAD C . 10.27 19.08 -2.95
N3 FAD C . 11.58 17.54 -1.91
C4 FAD C . 12.03 16.99 -0.74
O4 FAD C . 12.86 16.07 -0.77
C4X FAD C . 11.57 17.44 0.49
N5 FAD C . 12.01 16.86 1.66
C5X FAD C . 11.88 17.56 2.84
C6 FAD C . 12.66 17.19 3.92
C7 FAD C . 12.57 17.91 5.10
C7M FAD C . 13.43 17.47 6.26
C8 FAD C . 11.70 19.02 5.19
C8M FAD C . 11.58 19.83 6.45
C9 FAD C . 10.90 19.37 4.08
C9A FAD C . 11.00 18.65 2.88
N10 FAD C . 10.24 18.96 1.76
C10 FAD C . 10.68 18.49 0.53
C1' FAD C . 9.26 20.09 1.79
C2' FAD C . 9.82 21.45 1.47
O2' FAD C . 10.90 21.68 2.33
C3' FAD C . 8.78 22.48 1.84
O3' FAD C . 7.53 22.10 1.35
C4' FAD C . 9.09 23.91 1.37
O4' FAD C . 10.47 24.21 1.40
C5' FAD C . 8.43 24.81 2.36
O5' FAD C . 8.18 26.04 1.72
P FAD C . 7.37 27.21 2.47
O1P FAD C . 7.85 28.46 1.78
O2P FAD C . 5.88 26.94 2.44
O3P FAD C . 7.68 27.14 4.02
CL CL D . 16.84 23.80 11.21
C1 GOL E . 0.84 -2.79 10.42
O1 GOL E . 0.61 -3.78 11.40
C2 GOL E . 1.09 -1.44 11.09
O2 GOL E . 2.37 -1.47 11.67
C3 GOL E . 1.04 -0.36 10.01
O3 GOL E . 1.49 0.88 10.51
C1 GOL F . 11.66 5.17 -3.51
O1 GOL F . 10.52 4.38 -3.81
C2 GOL F . 12.21 4.77 -2.14
O2 GOL F . 13.07 3.66 -2.26
C3 GOL F . 12.98 5.95 -1.55
O3 GOL F . 13.40 5.60 -0.25
CL CL G . -11.56 51.08 -23.19
N NH4 H . 13.74 -1.33 -1.95
CL CL I . 16.93 21.83 12.17
#